data_9RDH
#
_entry.id   9RDH
#
_cell.length_a   1.00
_cell.length_b   1.00
_cell.length_c   1.00
_cell.angle_alpha   90.00
_cell.angle_beta   90.00
_cell.angle_gamma   90.00
#
_symmetry.space_group_name_H-M   'P 1'
#
loop_
_entity.id
_entity.type
_entity.pdbx_description
1 polymer 'Virion membrane protein OPG143'
2 polymer 'Entry-fusion complex protein OPG094'
3 polymer 'Superinfection exclusion protein'
4 polymer 'Protein OPG185'
5 branched alpha-D-mannopyranose-(1-6)-alpha-D-mannopyranose-(1-6)-beta-D-mannopyranose-(1-4)-2-acetamido-2-deoxy-beta-D-glucopyranose-(1-4)-2-acetamido-2-deoxy-beta-D-glucopyranose
6 branched alpha-L-fucopyranose-(1-6)-2-acetamido-2-deoxy-beta-D-glucopyranose
7 non-polymer 2-acetamido-2-deoxy-beta-D-glucopyranose
#
loop_
_entity_poly.entity_id
_entity_poly.type
_entity_poly.pdbx_seq_one_letter_code
_entity_poly.pdbx_strand_id
1 'polypeptide(L)'
;RSAAAVTLNRIKIAPGIADIRDKYMELGFNYPEYNRAVKFAEESYTYYYETSPGEIKPKFCLIDGMSIDHCSSFIVPEFA
KQYVLIHGEPCSSFKFRPGSLIYYQNEVTPEYIKDLKHATDYIASGQRCHFIKKDYLLGDSDSVAKCCSKTNTKHCPKIF
NNNYKTEHCDDFMTGFCRNDPGNPNCLEWLRAKRKPAMSTYSDICSKHMDARYCSEFIRIIRPDYFTFGDTALYVFCNDH
KGNRNCWCANYPKSNSGDKYLGPRVCWLHECTDESRDRKWLYYNQDVQRTRCKYVGGSGLVPRGSGGSGGSHHHHHHHHG
GSGTGGLNDIFEAQKIEWHE
;
A
2 'polypeptide(L)'
;AGGVSVELPKRDPPPGVPTDEMLLNVDKMHDVIAPAKLLEYVHIGPLAKDKEDKVKKRYPEFRLVNTGPGGLSALLRQSY
AGTAPNCCRTFQRTHYWKKDGKISDKYEEGAVLESCWPDVHDTGKCDVDLFDWCQGDTFDRNICHQWIGSAFNRADRTVE
GQQSLINLYNKMQTLCSKDASVPICESFLHHLRAHNTEDSKEMIDYILRQQSADFKQKYMRCSYPTRDKLEESLKYAEPR
ECWDPECSNANVNFLLTRNYNNLGLCNIVRGSGLVPRGSLEDDDDKAGWSHPQFEKGGGSGGGSGGGSWSHPQFEK
;
B
3 'polypeptide(L)'
;YRLQGFTNAGIVAYKNIQDDNIVFSPFGYSFSMFMSLLPASGNTRIELLKTMDLRKRDLGPAFTELISGLAKLKTSKYTY
TDLTYQSFVDNTVSIKPSYYQQYHRFGLYRLNFRRDAVNKINSIVERRSGMSNVVDSNMLDNNTLWAIINTIYFKGIWQY
PFDITKTRNASFTNKYGTKTVPMMNVVTKLQGNTITIDDEEYDMVRLPYKDANISMYLAIGDNMTHFTDSITAAKLDYWS
FQLGNKVYNLKLPKFSIENKRDIKSIAEMMAPSMFNPDNASFKHMTRDPLYIYKMFQNAKIDVDEQGTVAEASTIMVATA
RSSPEKLEFNTPFVFIIRHDITGFILFMGKVESPGSGLVPRGSGSAGWSHPQFEKGGGSGGGSGGGSWSHPQFEKGTGGL
NDIFEAQKIEWHE
;
C
4 'polypeptide(L)'
;RSTPFPQTSKKIGDDATLSCNRNNTNDYVVMSAWYKEPNSIILLAAKSDVLYFDNYTKDKISYDSPYDDLVTTITIKSLT
ARDAGTYVCAFFMTSTTNDTDKVDYEEYSTELIVNTDSEGSGLVPRGSGSGHHHHHHHH
;
D
#
# COMPACT_ATOMS: atom_id res chain seq x y z
N THR A 7 39.30 1.63 19.67
CA THR A 7 38.05 1.66 18.92
C THR A 7 38.24 2.30 17.55
N LEU A 8 37.41 3.30 17.25
CA LEU A 8 37.48 3.98 15.96
C LEU A 8 38.66 4.94 15.93
N ASN A 9 39.42 4.90 14.84
CA ASN A 9 40.55 5.81 14.66
C ASN A 9 40.51 6.57 13.34
N ARG A 10 40.07 5.92 12.26
CA ARG A 10 40.03 6.57 10.95
C ARG A 10 38.89 7.57 10.89
N ILE A 11 39.15 8.74 10.31
CA ILE A 11 38.20 9.85 10.30
C ILE A 11 37.89 10.33 8.89
N LYS A 12 38.46 9.71 7.87
CA LYS A 12 38.32 10.18 6.49
C LYS A 12 36.86 10.25 6.06
N ILE A 13 36.36 11.47 5.83
CA ILE A 13 34.98 11.62 5.38
C ILE A 13 34.88 11.29 3.88
N ALA A 14 35.95 11.49 3.12
CA ALA A 14 36.03 11.15 1.71
C ALA A 14 34.85 11.70 0.92
N PRO A 15 34.76 13.00 0.71
CA PRO A 15 33.64 13.55 -0.07
C PRO A 15 33.74 13.12 -1.53
N GLY A 16 32.57 13.01 -2.16
CA GLY A 16 32.48 12.59 -3.54
C GLY A 16 32.45 13.76 -4.52
N ILE A 17 32.30 13.41 -5.80
CA ILE A 17 32.22 14.40 -6.86
C ILE A 17 30.84 14.37 -7.49
N ALA A 18 30.26 13.17 -7.59
CA ALA A 18 28.95 13.02 -8.21
C ALA A 18 27.87 13.75 -7.42
N ASP A 19 27.91 13.61 -6.10
CA ASP A 19 26.91 14.22 -5.22
C ASP A 19 27.59 14.65 -3.93
N ILE A 20 27.43 15.93 -3.57
CA ILE A 20 28.02 16.43 -2.33
C ILE A 20 27.39 15.76 -1.12
N ARG A 21 26.13 15.33 -1.24
CA ARG A 21 25.50 14.58 -0.17
C ARG A 21 26.20 13.25 0.06
N ASP A 22 26.62 12.59 -1.02
CA ASP A 22 27.31 11.31 -0.91
C ASP A 22 28.68 11.51 -0.26
N LYS A 23 28.81 11.05 0.98
CA LYS A 23 30.08 11.05 1.69
C LYS A 23 30.35 9.64 2.20
N TYR A 24 31.63 9.33 2.37
CA TYR A 24 32.07 7.96 2.66
C TYR A 24 32.92 7.99 3.93
N MET A 25 32.24 7.91 5.08
CA MET A 25 32.93 7.84 6.35
C MET A 25 33.69 6.54 6.45
N GLU A 26 35.01 6.63 6.58
CA GLU A 26 35.87 5.45 6.61
C GLU A 26 36.03 5.02 8.06
N LEU A 27 35.19 4.07 8.48
CA LEU A 27 35.18 3.59 9.86
C LEU A 27 36.32 2.58 10.03
N GLY A 28 37.52 3.10 10.24
CA GLY A 28 38.68 2.25 10.47
C GLY A 28 38.98 2.04 11.93
N PHE A 29 38.54 0.90 12.47
CA PHE A 29 38.79 0.56 13.87
C PHE A 29 40.15 -0.11 14.00
N ASN A 30 40.56 -0.38 15.24
CA ASN A 30 41.88 -0.94 15.49
C ASN A 30 41.99 -2.36 14.93
N TYR A 31 40.94 -3.15 15.06
CA TYR A 31 41.02 -4.55 14.64
C TYR A 31 40.94 -4.63 13.12
N PRO A 32 41.80 -5.45 12.48
CA PRO A 32 41.89 -5.42 11.01
C PRO A 32 40.59 -5.75 10.30
N GLU A 33 39.80 -6.70 10.81
CA GLU A 33 38.52 -7.01 10.18
C GLU A 33 37.52 -5.90 10.43
N TYR A 34 37.68 -5.17 11.53
CA TYR A 34 36.91 -3.95 11.80
C TYR A 34 37.57 -2.78 11.07
N ASN A 35 37.56 -2.86 9.75
CA ASN A 35 38.13 -1.81 8.90
C ASN A 35 37.30 -1.77 7.62
N ARG A 36 36.30 -0.90 7.60
CA ARG A 36 35.37 -0.80 6.48
C ARG A 36 35.02 0.66 6.24
N ALA A 37 34.91 1.03 4.96
CA ALA A 37 34.44 2.34 4.56
C ALA A 37 32.99 2.23 4.16
N VAL A 38 32.11 2.88 4.91
CA VAL A 38 30.68 2.75 4.71
C VAL A 38 30.24 3.71 3.60
N LYS A 39 29.08 3.44 3.03
CA LYS A 39 28.47 4.28 2.01
C LYS A 39 27.22 4.92 2.61
N PHE A 40 27.39 6.08 3.23
CA PHE A 40 26.28 6.84 3.78
C PHE A 40 26.09 8.09 2.93
N ALA A 41 25.11 8.90 3.32
CA ALA A 41 24.88 10.17 2.66
C ALA A 41 24.22 11.11 3.64
N GLU A 42 24.45 12.40 3.44
CA GLU A 42 23.78 13.44 4.19
C GLU A 42 22.77 14.15 3.31
N GLU A 43 22.21 15.23 3.84
CA GLU A 43 21.13 15.98 3.20
C GLU A 43 21.41 17.48 3.29
N SER A 44 21.21 18.18 2.16
CA SER A 44 21.23 19.65 2.18
C SER A 44 20.23 20.25 1.19
N TYR A 45 19.18 19.52 0.82
CA TYR A 45 18.32 19.93 -0.27
C TYR A 45 17.01 20.50 0.25
N THR A 46 16.16 20.92 -0.69
CA THR A 46 14.76 21.26 -0.43
C THR A 46 13.93 20.40 -1.37
N TYR A 47 13.27 19.38 -0.81
CA TYR A 47 12.60 18.36 -1.62
C TYR A 47 11.19 18.80 -2.00
N TYR A 48 11.13 19.90 -2.77
CA TYR A 48 9.85 20.27 -3.38
C TYR A 48 9.39 19.26 -4.42
N TYR A 49 10.31 18.47 -4.97
CA TYR A 49 9.97 17.42 -5.91
C TYR A 49 9.67 16.12 -5.16
N GLU A 50 9.57 15.02 -5.89
CA GLU A 50 9.12 13.74 -5.35
C GLU A 50 10.25 12.72 -5.39
N THR A 51 10.42 11.97 -4.31
CA THR A 51 11.45 10.93 -4.25
C THR A 51 11.00 9.67 -4.99
N SER A 52 9.89 9.09 -4.55
CA SER A 52 9.27 7.93 -5.16
C SER A 52 7.79 8.19 -5.30
N PRO A 53 7.11 7.51 -6.24
CA PRO A 53 5.67 7.74 -6.40
C PRO A 53 4.90 7.48 -5.11
N GLY A 54 4.31 8.54 -4.56
CA GLY A 54 3.49 8.44 -3.38
C GLY A 54 4.24 8.48 -2.05
N GLU A 55 5.54 8.74 -2.07
CA GLU A 55 6.30 8.78 -0.81
C GLU A 55 7.54 9.63 -1.00
N ILE A 56 8.13 10.02 0.13
CA ILE A 56 9.36 10.81 0.16
C ILE A 56 10.35 10.12 1.07
N LYS A 57 11.58 9.94 0.58
CA LYS A 57 12.65 9.29 1.33
C LYS A 57 13.87 10.20 1.37
N PRO A 58 13.96 11.10 2.34
CA PRO A 58 15.17 11.92 2.49
C PRO A 58 16.31 11.12 3.08
N LYS A 59 17.43 11.78 3.34
CA LYS A 59 18.60 11.14 3.91
C LYS A 59 18.63 11.21 5.44
N PHE A 60 17.52 11.58 6.06
CA PHE A 60 17.48 11.80 7.51
C PHE A 60 16.97 10.52 8.17
N CYS A 61 17.88 9.78 8.80
CA CYS A 61 17.52 8.57 9.56
C CYS A 61 17.03 9.01 10.94
N LEU A 62 15.71 9.03 11.11
CA LEU A 62 15.12 9.49 12.36
C LEU A 62 15.49 8.58 13.52
N ILE A 63 15.56 9.16 14.71
CA ILE A 63 16.00 8.47 15.91
C ILE A 63 14.86 8.44 16.90
N ASP A 64 14.67 7.30 17.56
CA ASP A 64 13.66 7.19 18.59
C ASP A 64 14.01 8.08 19.79
N GLY A 65 12.98 8.56 20.47
CA GLY A 65 13.18 9.46 21.60
C GLY A 65 13.50 10.89 21.22
N MET A 66 13.45 11.23 19.94
CA MET A 66 13.74 12.58 19.46
C MET A 66 12.49 13.19 18.85
N SER A 67 12.48 14.51 18.77
CA SER A 67 11.35 15.22 18.21
C SER A 67 11.12 14.83 16.75
N ILE A 68 9.84 14.69 16.39
CA ILE A 68 9.48 14.34 15.02
C ILE A 68 9.44 15.54 14.09
N ASP A 69 9.83 16.72 14.58
CA ASP A 69 9.85 17.93 13.78
C ASP A 69 11.10 18.05 12.92
N HIS A 70 12.06 17.13 13.07
CA HIS A 70 13.35 17.27 12.40
C HIS A 70 13.21 17.17 10.89
N CYS A 71 12.56 16.11 10.40
CA CYS A 71 12.53 15.84 8.97
C CYS A 71 11.33 16.46 8.26
N SER A 72 10.51 17.25 8.95
CA SER A 72 9.51 18.06 8.28
C SER A 72 10.07 19.40 7.82
N SER A 73 11.33 19.68 8.12
CA SER A 73 11.96 20.91 7.67
C SER A 73 12.18 20.90 6.16
N PHE A 74 12.60 19.74 5.63
CA PHE A 74 13.24 19.68 4.33
C PHE A 74 12.23 19.68 3.18
N ILE A 75 10.96 19.44 3.47
CA ILE A 75 9.87 19.58 2.51
C ILE A 75 9.51 21.05 2.40
N VAL A 76 9.26 21.51 1.18
CA VAL A 76 8.85 22.90 0.96
C VAL A 76 7.43 23.07 1.48
N PRO A 77 7.13 24.16 2.20
CA PRO A 77 5.75 24.36 2.69
C PRO A 77 4.79 24.70 1.57
N GLU A 78 3.54 25.02 1.93
CA GLU A 78 2.40 25.29 1.05
C GLU A 78 2.14 24.15 0.08
N PHE A 79 2.84 23.03 0.28
CA PHE A 79 2.48 21.73 -0.27
C PHE A 79 2.71 20.58 0.71
N ALA A 80 3.39 20.80 1.82
CA ALA A 80 3.65 19.79 2.83
C ALA A 80 2.42 19.51 3.67
N LYS A 81 1.36 20.31 3.48
CA LYS A 81 0.13 20.13 4.24
C LYS A 81 -0.65 18.89 3.81
N GLN A 82 -0.06 18.05 2.96
CA GLN A 82 -0.69 16.82 2.50
C GLN A 82 0.05 15.56 2.94
N TYR A 83 1.00 15.67 3.86
CA TYR A 83 1.90 14.56 4.17
C TYR A 83 1.82 14.17 5.64
N VAL A 84 1.94 12.86 5.88
CA VAL A 84 1.90 12.29 7.23
C VAL A 84 3.01 11.23 7.31
N LEU A 85 3.37 10.88 8.54
CA LEU A 85 4.47 9.96 8.79
C LEU A 85 3.97 8.55 9.10
N ILE A 86 4.91 7.61 9.13
CA ILE A 86 4.63 6.19 9.36
C ILE A 86 5.86 5.57 10.02
N HIS A 87 5.71 4.34 10.50
CA HIS A 87 6.85 3.55 10.94
C HIS A 87 7.69 3.15 9.72
N GLY A 88 8.89 3.73 9.61
CA GLY A 88 9.79 3.40 8.54
C GLY A 88 10.54 2.10 8.79
N GLU A 89 11.29 1.67 7.78
CA GLU A 89 12.14 0.51 7.94
C GLU A 89 13.25 0.82 8.93
N PRO A 90 13.72 -0.19 9.67
CA PRO A 90 14.78 0.06 10.65
C PRO A 90 16.04 0.61 10.01
N CYS A 91 16.38 1.86 10.32
CA CYS A 91 17.58 2.51 9.82
C CYS A 91 18.53 2.79 10.98
N SER A 92 19.82 2.81 10.65
CA SER A 92 20.86 3.09 11.63
C SER A 92 21.53 4.41 11.27
N SER A 93 21.83 5.20 12.30
CA SER A 93 22.42 6.52 12.14
C SER A 93 23.78 6.54 12.83
N PHE A 94 24.37 7.73 12.90
CA PHE A 94 25.59 7.97 13.66
C PHE A 94 25.25 8.81 14.86
N LYS A 95 25.73 8.40 16.03
CA LYS A 95 25.49 9.18 17.25
C LYS A 95 26.17 10.55 17.16
N PHE A 96 27.29 10.64 16.43
CA PHE A 96 27.97 11.90 16.20
C PHE A 96 27.40 12.68 15.02
N ARG A 97 26.62 12.02 14.16
CA ARG A 97 26.02 12.66 12.99
C ARG A 97 24.52 12.40 13.05
N PRO A 98 23.78 13.20 13.82
CA PRO A 98 22.33 12.99 13.96
C PRO A 98 21.63 13.13 12.62
N GLY A 99 20.94 12.08 12.21
CA GLY A 99 20.24 12.06 10.94
C GLY A 99 21.01 11.44 9.79
N SER A 100 22.26 11.04 10.00
CA SER A 100 23.00 10.34 8.96
C SER A 100 22.33 9.00 8.65
N LEU A 101 22.29 8.66 7.36
CA LEU A 101 21.66 7.42 6.91
C LEU A 101 22.71 6.54 6.26
N ILE A 102 22.88 5.34 6.81
CA ILE A 102 23.86 4.38 6.33
C ILE A 102 23.14 3.32 5.50
N TYR A 103 23.66 3.06 4.30
CA TYR A 103 23.09 2.07 3.40
C TYR A 103 23.86 0.77 3.50
N TYR A 104 23.16 -0.33 3.26
CA TYR A 104 23.73 -1.68 3.42
C TYR A 104 24.35 -2.10 2.10
N GLN A 105 25.67 -2.29 2.11
CA GLN A 105 26.41 -2.65 0.90
C GLN A 105 27.80 -3.13 1.34
N ASN A 106 28.58 -3.63 0.40
CA ASN A 106 29.94 -4.12 0.63
C ASN A 106 29.89 -5.28 1.63
N GLU A 107 30.96 -5.48 2.38
CA GLU A 107 31.03 -6.52 3.40
C GLU A 107 30.44 -6.07 4.72
N VAL A 108 29.87 -4.87 4.78
CA VAL A 108 29.16 -4.43 5.97
C VAL A 108 27.85 -5.20 6.10
N THR A 109 27.60 -5.74 7.28
CA THR A 109 26.41 -6.54 7.54
C THR A 109 25.69 -6.01 8.76
N PRO A 110 24.37 -6.21 8.86
CA PRO A 110 23.64 -5.80 10.07
C PRO A 110 24.19 -6.44 11.33
N GLU A 111 24.62 -7.70 11.26
CA GLU A 111 25.19 -8.34 12.44
C GLU A 111 26.49 -7.66 12.86
N TYR A 112 27.32 -7.27 11.88
CA TYR A 112 28.59 -6.61 12.20
C TYR A 112 28.35 -5.26 12.86
N ILE A 113 27.41 -4.47 12.34
CA ILE A 113 27.14 -3.16 12.93
C ILE A 113 26.39 -3.30 14.24
N LYS A 114 25.56 -4.35 14.38
CA LYS A 114 24.85 -4.56 15.63
C LYS A 114 25.83 -4.83 16.77
N ASP A 115 26.86 -5.65 16.51
CA ASP A 115 27.92 -5.84 17.50
C ASP A 115 28.71 -4.57 17.73
N LEU A 116 28.86 -3.76 16.68
CA LEU A 116 29.55 -2.47 16.83
C LEU A 116 28.80 -1.55 17.76
N LYS A 117 27.51 -1.34 17.51
CA LYS A 117 26.73 -0.39 18.30
C LYS A 117 26.50 -0.89 19.71
N HIS A 118 26.30 -2.21 19.87
CA HIS A 118 26.08 -2.76 21.20
C HIS A 118 27.33 -2.60 22.08
N ALA A 119 28.50 -2.89 21.52
CA ALA A 119 29.73 -2.76 22.29
C ALA A 119 30.07 -1.29 22.54
N THR A 120 30.02 -0.46 21.51
CA THR A 120 30.31 0.96 21.61
C THR A 120 29.28 1.74 20.81
N ASP A 121 28.63 2.70 21.45
CA ASP A 121 27.48 3.39 20.87
C ASP A 121 27.94 4.59 20.04
N TYR A 122 28.23 4.32 18.77
CA TYR A 122 28.33 5.37 17.76
C TYR A 122 27.24 5.26 16.71
N ILE A 123 26.25 4.39 16.92
CA ILE A 123 25.16 4.17 15.99
C ILE A 123 23.85 4.39 16.74
N ALA A 124 22.99 5.24 16.18
CA ALA A 124 21.71 5.58 16.78
C ALA A 124 20.60 4.85 16.05
N SER A 125 19.87 3.98 16.77
CA SER A 125 18.80 3.22 16.17
C SER A 125 17.59 4.12 15.90
N GLY A 126 16.76 3.68 14.96
CA GLY A 126 15.57 4.43 14.61
C GLY A 126 15.00 3.91 13.30
N GLN A 127 14.06 4.69 12.75
CA GLN A 127 13.43 4.37 11.47
C GLN A 127 13.54 5.56 10.54
N ARG A 128 13.70 5.28 9.25
CA ARG A 128 13.87 6.33 8.25
C ARG A 128 12.59 7.15 8.14
N CYS A 129 12.74 8.47 8.08
CA CYS A 129 11.59 9.33 7.87
C CYS A 129 10.92 8.98 6.56
N HIS A 130 9.59 8.84 6.59
CA HIS A 130 8.85 8.25 5.49
C HIS A 130 7.49 8.95 5.42
N PHE A 131 7.31 9.75 4.37
CA PHE A 131 6.08 10.54 4.19
C PHE A 131 5.14 9.81 3.24
N ILE A 132 3.84 9.94 3.51
CA ILE A 132 2.80 9.31 2.71
C ILE A 132 1.79 10.38 2.31
N LYS A 133 1.44 10.40 1.02
CA LYS A 133 0.48 11.36 0.51
C LYS A 133 -0.94 10.84 0.67
N LYS A 134 -1.84 11.74 1.03
CA LYS A 134 -3.26 11.45 1.15
C LYS A 134 -4.01 12.74 0.84
N ASP A 135 -5.29 12.78 1.18
CA ASP A 135 -6.04 14.03 1.09
C ASP A 135 -5.51 15.01 2.13
N TYR A 136 -6.03 16.24 2.10
CA TYR A 136 -5.65 17.23 3.09
C TYR A 136 -6.11 16.79 4.48
N LEU A 137 -5.70 17.54 5.49
CA LEU A 137 -6.15 17.32 6.85
C LEU A 137 -6.98 18.52 7.31
N LEU A 138 -7.51 18.44 8.52
CA LEU A 138 -8.47 19.42 9.00
C LEU A 138 -7.89 20.13 10.23
N GLY A 139 -8.36 21.36 10.46
CA GLY A 139 -7.83 22.20 11.50
C GLY A 139 -8.62 22.16 12.79
N ASP A 140 -9.47 23.15 13.02
CA ASP A 140 -10.30 23.21 14.22
C ASP A 140 -11.77 23.37 13.82
N SER A 141 -12.61 23.59 14.83
CA SER A 141 -14.04 23.73 14.58
C SER A 141 -14.35 24.95 13.73
N ASP A 142 -13.60 26.04 13.92
CA ASP A 142 -13.83 27.24 13.11
C ASP A 142 -13.52 26.96 11.64
N SER A 143 -12.46 26.18 11.36
CA SER A 143 -12.18 25.81 9.98
C SER A 143 -13.26 24.91 9.41
N VAL A 144 -13.90 24.09 10.26
CA VAL A 144 -15.07 23.34 9.82
C VAL A 144 -16.17 24.30 9.40
N ALA A 145 -16.36 25.38 10.17
CA ALA A 145 -17.35 26.38 9.81
C ALA A 145 -17.02 27.05 8.48
N LYS A 146 -15.73 27.24 8.21
CA LYS A 146 -15.33 28.07 7.08
C LYS A 146 -15.52 27.36 5.75
N CYS A 147 -14.81 26.26 5.52
CA CYS A 147 -14.77 25.68 4.19
C CYS A 147 -15.88 24.66 3.92
N CYS A 148 -16.52 24.11 4.96
CA CYS A 148 -17.71 23.31 4.72
C CYS A 148 -18.88 24.18 4.25
N SER A 149 -18.88 25.47 4.63
CA SER A 149 -19.92 26.39 4.16
C SER A 149 -19.66 26.90 2.75
N LYS A 150 -18.66 26.33 2.07
CA LYS A 150 -18.37 26.62 0.66
C LYS A 150 -18.09 28.09 0.43
N THR A 151 -17.33 28.70 1.33
CA THR A 151 -16.85 30.07 1.15
C THR A 151 -15.37 30.15 0.80
N ASN A 152 -14.55 29.26 1.36
CA ASN A 152 -13.13 29.14 1.03
C ASN A 152 -12.88 27.69 0.67
N THR A 153 -13.05 27.34 -0.61
CA THR A 153 -13.00 25.95 -1.05
C THR A 153 -11.55 25.54 -1.36
N LYS A 154 -10.69 25.78 -0.38
CA LYS A 154 -9.27 25.45 -0.47
C LYS A 154 -8.77 25.13 0.93
N HIS A 155 -7.59 24.52 0.99
CA HIS A 155 -6.79 24.31 2.20
C HIS A 155 -7.38 23.27 3.15
N CYS A 156 -8.51 22.66 2.81
CA CYS A 156 -9.11 21.64 3.65
C CYS A 156 -9.45 20.45 2.76
N PRO A 157 -9.63 19.25 3.36
CA PRO A 157 -9.75 18.03 2.55
C PRO A 157 -10.88 18.11 1.53
N LYS A 158 -10.64 17.51 0.36
CA LYS A 158 -11.67 17.44 -0.65
C LYS A 158 -12.87 16.62 -0.19
N ILE A 159 -12.69 15.74 0.79
CA ILE A 159 -13.82 14.97 1.31
C ILE A 159 -14.83 15.91 1.97
N PHE A 160 -14.38 17.06 2.45
CA PHE A 160 -15.28 18.10 2.92
C PHE A 160 -15.72 19.01 1.78
N ASN A 161 -14.82 19.29 0.83
CA ASN A 161 -15.09 20.16 -0.30
C ASN A 161 -15.76 19.44 -1.46
N ASN A 162 -16.32 18.25 -1.26
CA ASN A 162 -16.86 17.47 -2.36
C ASN A 162 -18.32 17.84 -2.62
N ASN A 163 -18.57 19.15 -2.70
CA ASN A 163 -19.87 19.70 -3.05
C ASN A 163 -20.99 19.05 -2.25
N TYR A 164 -20.76 18.83 -0.96
CA TYR A 164 -21.72 18.17 -0.07
C TYR A 164 -22.06 16.77 -0.59
N LYS A 165 -21.03 15.91 -0.62
CA LYS A 165 -21.23 14.52 -1.00
C LYS A 165 -21.26 13.59 0.21
N THR A 166 -20.37 13.81 1.18
CA THR A 166 -20.31 13.03 2.40
C THR A 166 -20.80 13.85 3.58
N GLU A 167 -21.23 13.13 4.62
CA GLU A 167 -22.06 13.71 5.68
C GLU A 167 -21.23 14.10 6.91
N HIS A 168 -19.91 14.14 6.80
CA HIS A 168 -19.08 14.44 7.97
C HIS A 168 -19.30 15.85 8.50
N CYS A 169 -19.44 16.85 7.62
CA CYS A 169 -19.67 18.22 8.07
C CYS A 169 -21.15 18.58 8.06
N ASP A 170 -22.03 17.57 8.10
CA ASP A 170 -23.46 17.81 8.25
C ASP A 170 -23.77 18.48 9.59
N ASP A 171 -23.10 18.02 10.66
CA ASP A 171 -23.51 18.39 12.01
C ASP A 171 -23.49 19.90 12.22
N PHE A 172 -22.35 20.55 11.91
CA PHE A 172 -22.23 21.96 12.27
C PHE A 172 -23.12 22.86 11.43
N MET A 173 -23.09 22.71 10.10
CA MET A 173 -23.81 23.68 9.28
C MET A 173 -25.32 23.48 9.37
N THR A 174 -25.77 22.40 10.02
CA THR A 174 -27.16 22.31 10.42
C THR A 174 -27.54 23.49 11.30
N GLY A 175 -26.76 23.73 12.36
CA GLY A 175 -27.02 24.87 13.22
C GLY A 175 -26.77 26.20 12.55
N PHE A 176 -25.75 26.28 11.70
CA PHE A 176 -25.47 27.52 10.98
C PHE A 176 -26.63 27.88 10.05
N CYS A 177 -27.20 26.89 9.36
CA CYS A 177 -28.34 27.15 8.51
C CYS A 177 -29.59 27.47 9.33
N ARG A 178 -29.70 26.90 10.53
CA ARG A 178 -30.82 27.25 11.40
C ARG A 178 -30.77 28.73 11.78
N ASN A 179 -29.59 29.24 12.11
CA ASN A 179 -29.46 30.65 12.45
C ASN A 179 -29.74 31.54 11.24
N ASP A 180 -29.21 31.17 10.08
CA ASP A 180 -29.36 31.98 8.89
C ASP A 180 -29.48 31.12 7.64
N PRO A 181 -30.65 31.06 7.01
CA PRO A 181 -30.78 30.31 5.75
C PRO A 181 -30.33 31.13 4.54
N GLY A 182 -29.61 32.23 4.80
CA GLY A 182 -29.27 33.14 3.73
C GLY A 182 -28.31 32.57 2.71
N ASN A 183 -27.33 31.80 3.16
CA ASN A 183 -26.27 31.33 2.28
C ASN A 183 -26.83 30.41 1.21
N PRO A 184 -26.59 30.68 -0.08
CA PRO A 184 -26.99 29.72 -1.11
C PRO A 184 -26.29 28.38 -1.01
N ASN A 185 -25.13 28.32 -0.34
CA ASN A 185 -24.45 27.05 -0.12
C ASN A 185 -25.30 26.11 0.73
N CYS A 186 -26.21 26.66 1.54
CA CYS A 186 -27.16 25.82 2.27
C CYS A 186 -28.05 25.05 1.31
N LEU A 187 -28.47 25.69 0.21
CA LEU A 187 -29.27 25.00 -0.78
C LEU A 187 -28.49 23.88 -1.46
N GLU A 188 -27.21 24.11 -1.75
CA GLU A 188 -26.38 23.05 -2.31
C GLU A 188 -26.32 21.86 -1.35
N TRP A 189 -26.18 22.14 -0.05
CA TRP A 189 -26.22 21.08 0.94
C TRP A 189 -27.59 20.44 1.04
N LEU A 190 -28.64 21.17 0.68
CA LEU A 190 -29.96 20.56 0.61
C LEU A 190 -30.06 19.62 -0.58
N ARG A 191 -29.29 19.90 -1.64
CA ARG A 191 -29.21 18.98 -2.77
C ARG A 191 -28.42 17.72 -2.44
N ALA A 192 -27.75 17.69 -1.28
CA ALA A 192 -26.98 16.52 -0.87
C ALA A 192 -27.85 15.31 -0.57
N LYS A 193 -29.18 15.50 -0.48
CA LYS A 193 -30.13 14.40 -0.36
C LYS A 193 -29.91 13.60 0.91
N ARG A 194 -30.07 14.29 2.05
CA ARG A 194 -29.96 13.66 3.36
C ARG A 194 -31.16 14.02 4.21
N LYS A 195 -31.55 13.10 5.08
CA LYS A 195 -32.76 13.26 5.89
C LYS A 195 -32.55 14.15 7.12
N PRO A 196 -31.48 13.96 7.92
CA PRO A 196 -31.32 14.83 9.10
C PRO A 196 -31.25 16.31 8.75
N ALA A 197 -30.62 16.66 7.62
CA ALA A 197 -30.58 18.06 7.21
C ALA A 197 -31.99 18.59 6.93
N MET A 198 -32.80 17.79 6.24
CA MET A 198 -34.17 18.20 5.94
C MET A 198 -34.97 18.40 7.20
N SER A 199 -34.85 17.49 8.17
CA SER A 199 -35.66 17.57 9.37
C SER A 199 -35.34 18.82 10.18
N THR A 200 -34.06 19.16 10.29
CA THR A 200 -33.67 20.29 11.12
C THR A 200 -34.05 21.62 10.49
N TYR A 201 -33.80 21.79 9.19
CA TYR A 201 -34.07 23.09 8.59
C TYR A 201 -35.56 23.28 8.36
N SER A 202 -36.31 22.20 8.13
CA SER A 202 -37.76 22.34 7.95
C SER A 202 -38.43 22.87 9.20
N ASP A 203 -37.81 22.67 10.36
CA ASP A 203 -38.30 23.34 11.56
C ASP A 203 -38.14 24.85 11.44
N ILE A 204 -36.99 25.30 10.91
CA ILE A 204 -36.80 26.73 10.63
C ILE A 204 -37.82 27.19 9.59
N CYS A 205 -38.07 26.35 8.58
CA CYS A 205 -39.09 26.65 7.59
C CYS A 205 -40.47 26.76 8.23
N SER A 206 -40.77 25.90 9.20
CA SER A 206 -42.04 25.95 9.90
C SER A 206 -42.14 27.12 10.86
N LYS A 207 -41.04 27.82 11.12
CA LYS A 207 -41.10 29.03 11.93
C LYS A 207 -41.34 30.27 11.08
N HIS A 208 -40.74 30.32 9.89
CA HIS A 208 -40.95 31.40 8.95
C HIS A 208 -41.09 30.79 7.56
N MET A 209 -42.29 30.88 6.98
CA MET A 209 -42.59 30.22 5.72
C MET A 209 -42.60 31.17 4.53
N ASP A 210 -42.81 32.47 4.77
CA ASP A 210 -42.93 33.44 3.69
C ASP A 210 -41.63 33.61 2.90
N ALA A 211 -40.49 33.28 3.49
CA ALA A 211 -39.22 33.43 2.80
C ALA A 211 -39.14 32.50 1.60
N ARG A 212 -38.45 32.96 0.55
CA ARG A 212 -38.34 32.17 -0.67
C ARG A 212 -37.51 30.91 -0.46
N TYR A 213 -36.69 30.85 0.59
CA TYR A 213 -35.85 29.68 0.82
C TYR A 213 -36.69 28.41 0.98
N CYS A 214 -37.89 28.55 1.57
CA CYS A 214 -38.76 27.40 1.72
C CYS A 214 -39.29 26.91 0.38
N SER A 215 -39.33 27.78 -0.63
CA SER A 215 -39.88 27.41 -1.93
C SER A 215 -39.03 26.34 -2.61
N GLU A 216 -37.72 26.58 -2.70
CA GLU A 216 -36.84 25.59 -3.32
C GLU A 216 -36.56 24.41 -2.40
N PHE A 217 -36.84 24.54 -1.10
CA PHE A 217 -36.77 23.39 -0.22
C PHE A 217 -37.79 22.33 -0.65
N ILE A 218 -39.00 22.78 -1.01
CA ILE A 218 -40.03 21.87 -1.50
C ILE A 218 -39.59 21.23 -2.81
N ARG A 219 -38.87 21.99 -3.64
CA ARG A 219 -38.52 21.54 -4.98
C ARG A 219 -37.27 20.66 -4.98
N ILE A 220 -36.55 20.54 -3.87
CA ILE A 220 -35.26 19.84 -3.87
C ILE A 220 -35.35 18.50 -3.15
N ILE A 221 -35.75 18.53 -1.87
CA ILE A 221 -35.61 17.35 -1.02
C ILE A 221 -36.96 16.75 -0.70
N ARG A 222 -38.02 17.54 -0.78
CA ARG A 222 -39.35 17.04 -0.43
C ARG A 222 -39.79 15.84 -1.26
N PRO A 223 -39.55 15.77 -2.59
CA PRO A 223 -39.97 14.57 -3.34
C PRO A 223 -39.45 13.27 -2.76
N ASP A 224 -38.28 13.30 -2.15
CA ASP A 224 -37.74 12.12 -1.48
C ASP A 224 -38.48 11.79 -0.19
N TYR A 225 -38.78 12.80 0.64
CA TYR A 225 -39.41 12.61 1.95
C TYR A 225 -40.62 13.54 2.03
N PHE A 226 -41.77 13.07 1.55
CA PHE A 226 -42.97 13.90 1.54
C PHE A 226 -43.54 14.07 2.94
N THR A 227 -43.46 13.02 3.76
CA THR A 227 -44.23 12.98 5.00
C THR A 227 -43.77 14.05 5.99
N PHE A 228 -42.46 14.16 6.23
CA PHE A 228 -42.00 15.06 7.29
C PHE A 228 -42.23 16.52 6.91
N GLY A 229 -41.97 16.88 5.66
CA GLY A 229 -42.18 18.26 5.23
C GLY A 229 -43.65 18.64 5.23
N ASP A 230 -44.52 17.72 4.81
CA ASP A 230 -45.95 18.00 4.76
C ASP A 230 -46.53 18.22 6.14
N THR A 231 -46.13 17.40 7.12
CA THR A 231 -46.63 17.57 8.48
C THR A 231 -46.14 18.88 9.08
N ALA A 232 -44.86 19.20 8.90
CA ALA A 232 -44.32 20.44 9.45
C ALA A 232 -44.99 21.66 8.82
N LEU A 233 -45.23 21.61 7.51
CA LEU A 233 -45.94 22.70 6.84
C LEU A 233 -47.36 22.85 7.38
N TYR A 234 -48.02 21.72 7.65
CA TYR A 234 -49.37 21.77 8.21
C TYR A 234 -49.39 22.45 9.56
N VAL A 235 -48.34 22.26 10.36
CA VAL A 235 -48.29 22.82 11.72
C VAL A 235 -48.18 24.34 11.66
N PHE A 236 -47.40 24.87 10.72
CA PHE A 236 -47.13 26.30 10.70
C PHE A 236 -48.41 27.10 10.48
N CYS A 237 -49.24 26.68 9.53
CA CYS A 237 -50.47 27.42 9.24
C CYS A 237 -51.54 27.22 10.31
N ASN A 238 -51.36 26.25 11.21
CA ASN A 238 -52.34 26.05 12.27
C ASN A 238 -52.46 27.28 13.16
N ASP A 239 -51.32 27.76 13.67
CA ASP A 239 -51.32 28.94 14.53
C ASP A 239 -51.06 30.22 13.77
N HIS A 240 -50.41 30.15 12.61
CA HIS A 240 -50.19 31.32 11.76
C HIS A 240 -51.16 31.24 10.59
N LYS A 241 -52.38 31.71 10.83
CA LYS A 241 -53.42 31.74 9.80
C LYS A 241 -53.46 33.04 9.03
N GLY A 242 -52.54 33.97 9.30
CA GLY A 242 -52.50 35.22 8.57
C GLY A 242 -52.00 35.09 7.14
N ASN A 243 -51.41 33.94 6.81
CA ASN A 243 -50.96 33.69 5.45
C ASN A 243 -52.14 33.67 4.49
N ARG A 244 -51.95 34.24 3.30
CA ARG A 244 -53.02 34.37 2.32
C ARG A 244 -53.02 33.26 1.29
N ASN A 245 -52.23 32.20 1.49
CA ASN A 245 -52.24 31.07 0.58
C ASN A 245 -52.23 29.72 1.30
N CYS A 246 -52.26 29.69 2.63
CA CYS A 246 -52.28 28.44 3.38
C CYS A 246 -53.69 28.05 3.80
N TRP A 247 -54.72 28.74 3.32
CA TRP A 247 -56.10 28.33 3.56
C TRP A 247 -56.75 27.71 2.33
N CYS A 248 -55.99 27.49 1.26
CA CYS A 248 -56.51 26.87 0.04
C CYS A 248 -56.40 25.35 0.19
N ALA A 249 -57.52 24.69 0.49
CA ALA A 249 -57.58 23.25 0.67
C ALA A 249 -56.58 22.77 1.72
N ASN A 250 -56.56 23.48 2.86
CA ASN A 250 -55.66 23.18 3.95
C ASN A 250 -56.45 23.27 5.26
N TYR A 251 -55.72 23.31 6.38
CA TYR A 251 -56.34 23.32 7.70
C TYR A 251 -57.38 24.43 7.88
N PRO A 252 -57.11 25.72 7.54
CA PRO A 252 -58.13 26.76 7.69
C PRO A 252 -59.04 26.87 6.46
N LYS A 253 -59.59 25.74 6.02
CA LYS A 253 -60.47 25.72 4.85
C LYS A 253 -61.82 26.33 5.17
N SER A 275 -51.79 29.70 -9.38
CA SER A 275 -51.05 28.46 -9.11
C SER A 275 -49.54 28.72 -9.18
N ARG A 276 -49.12 29.82 -8.56
CA ARG A 276 -47.73 30.25 -8.69
C ARG A 276 -46.76 29.37 -7.90
N ASP A 277 -47.13 28.99 -6.68
CA ASP A 277 -46.21 28.26 -5.81
C ASP A 277 -46.94 27.11 -5.13
N ARG A 278 -46.31 25.93 -5.16
CA ARG A 278 -46.82 24.75 -4.47
C ARG A 278 -46.13 24.51 -3.14
N LYS A 279 -45.36 25.49 -2.65
CA LYS A 279 -44.62 25.34 -1.40
C LYS A 279 -45.54 25.18 -0.20
N TRP A 280 -46.81 25.59 -0.30
CA TRP A 280 -47.73 25.55 0.81
C TRP A 280 -48.83 24.50 0.65
N LEU A 281 -48.52 23.40 -0.05
CA LEU A 281 -49.52 22.37 -0.32
C LEU A 281 -48.86 20.99 -0.31
N TYR A 282 -49.70 19.96 -0.16
CA TYR A 282 -49.25 18.58 -0.18
C TYR A 282 -48.89 18.16 -1.61
N TYR A 283 -48.49 16.90 -1.75
CA TYR A 283 -48.16 16.36 -3.08
C TYR A 283 -49.41 15.98 -3.86
N ASN A 284 -50.53 15.73 -3.19
CA ASN A 284 -51.72 15.28 -3.92
C ASN A 284 -52.33 16.41 -4.74
N GLN A 285 -52.49 17.61 -4.17
CA GLN A 285 -53.33 18.61 -4.81
C GLN A 285 -52.87 18.98 -6.22
N ASP A 286 -51.56 18.94 -6.49
CA ASP A 286 -51.10 19.42 -7.78
C ASP A 286 -51.26 18.38 -8.88
N VAL A 287 -51.31 17.09 -8.54
CA VAL A 287 -51.32 16.05 -9.57
C VAL A 287 -52.67 15.99 -10.28
N GLN A 288 -53.78 16.11 -9.54
CA GLN A 288 -55.08 15.96 -10.22
C GLN A 288 -55.36 17.12 -11.17
N ARG A 289 -54.87 18.31 -10.85
CA ARG A 289 -55.15 19.49 -11.66
C ARG A 289 -54.36 19.46 -12.98
N LEU B 8 36.39 14.02 14.70
CA LEU B 8 34.98 13.66 14.71
C LEU B 8 34.13 14.86 14.30
N PRO B 9 33.56 14.81 13.09
CA PRO B 9 32.69 15.91 12.65
C PRO B 9 31.40 15.93 13.46
N LYS B 10 30.87 17.14 13.65
CA LYS B 10 29.62 17.34 14.35
C LYS B 10 28.72 18.23 13.50
N ARG B 11 27.45 17.85 13.40
CA ARG B 11 26.48 18.57 12.58
C ARG B 11 25.17 18.70 13.34
N ASP B 12 24.47 19.81 13.11
CA ASP B 12 23.19 20.08 13.77
C ASP B 12 22.07 19.97 12.76
N PRO B 13 20.96 19.31 13.12
CA PRO B 13 19.84 19.25 12.18
C PRO B 13 19.31 20.64 11.88
N PRO B 14 18.90 20.88 10.64
CA PRO B 14 18.39 22.22 10.28
C PRO B 14 17.08 22.51 10.97
N PRO B 15 16.71 23.79 11.10
CA PRO B 15 15.49 24.15 11.85
C PRO B 15 14.25 23.52 11.24
N GLY B 16 13.53 22.74 12.07
CA GLY B 16 12.36 22.04 11.58
C GLY B 16 11.20 22.97 11.29
N VAL B 17 10.35 22.53 10.37
CA VAL B 17 9.12 23.25 10.02
C VAL B 17 7.95 22.51 10.66
N PRO B 18 7.36 23.03 11.74
CA PRO B 18 6.25 22.32 12.38
C PRO B 18 4.98 22.38 11.56
N THR B 19 4.61 21.26 10.94
CA THR B 19 3.39 21.20 10.16
C THR B 19 2.17 21.20 11.06
N ASP B 20 1.00 21.38 10.45
CA ASP B 20 -0.26 21.40 11.16
C ASP B 20 -0.59 20.08 11.86
N GLU B 21 0.03 18.98 11.46
CA GLU B 21 -0.18 17.71 12.15
C GLU B 21 0.23 17.81 13.62
N MET B 22 1.34 18.49 13.88
CA MET B 22 1.93 18.53 15.22
C MET B 22 1.15 19.39 16.18
N LEU B 23 0.43 20.39 15.68
CA LEU B 23 -0.40 21.26 16.51
C LEU B 23 -1.84 20.78 16.62
N LEU B 24 -2.20 19.71 15.91
CA LEU B 24 -3.55 19.18 15.99
C LEU B 24 -3.80 18.59 17.38
N ASN B 25 -4.99 18.88 17.93
CA ASN B 25 -5.32 18.53 19.30
C ASN B 25 -6.53 17.61 19.34
N VAL B 26 -6.52 16.68 20.30
CA VAL B 26 -7.65 15.76 20.46
C VAL B 26 -8.88 16.49 20.96
N ASP B 27 -8.70 17.45 21.86
CA ASP B 27 -9.83 18.27 22.31
C ASP B 27 -10.18 19.30 21.25
N LYS B 28 -11.38 19.87 21.38
CA LYS B 28 -12.00 20.74 20.38
C LYS B 28 -12.26 20.02 19.06
N MET B 29 -12.14 18.69 19.04
CA MET B 29 -12.39 17.87 17.87
C MET B 29 -13.67 17.05 17.96
N HIS B 30 -14.47 17.22 19.00
CA HIS B 30 -15.60 16.32 19.20
C HIS B 30 -16.77 16.62 18.28
N ASP B 31 -16.68 17.64 17.44
CA ASP B 31 -17.61 17.82 16.33
C ASP B 31 -17.07 17.22 15.04
N VAL B 32 -15.87 16.64 15.07
CA VAL B 32 -15.28 15.98 13.93
C VAL B 32 -15.07 14.49 14.17
N ILE B 33 -14.66 14.12 15.39
CA ILE B 33 -14.47 12.71 15.73
C ILE B 33 -15.80 11.97 15.67
N ALA B 34 -16.85 12.55 16.24
CA ALA B 34 -18.14 11.90 16.24
C ALA B 34 -18.67 11.58 14.84
N PRO B 35 -18.59 12.48 13.85
CA PRO B 35 -18.91 12.08 12.47
C PRO B 35 -17.78 11.25 11.88
N ALA B 36 -17.99 9.94 11.78
CA ALA B 36 -17.01 9.01 11.24
C ALA B 36 -17.69 7.67 10.99
N LYS B 37 -17.32 7.01 9.91
CA LYS B 37 -17.92 5.74 9.55
C LYS B 37 -17.07 4.59 10.10
N LEU B 38 -17.43 3.36 9.72
CA LEU B 38 -16.66 2.20 10.15
C LEU B 38 -15.34 2.13 9.40
N LEU B 39 -14.30 1.70 10.11
CA LEU B 39 -12.96 1.52 9.55
C LEU B 39 -12.44 2.82 8.92
N GLU B 40 -12.55 3.90 9.67
CA GLU B 40 -12.06 5.21 9.25
C GLU B 40 -11.03 5.71 10.23
N TYR B 41 -9.90 6.19 9.72
CA TYR B 41 -8.78 6.64 10.53
C TYR B 41 -8.81 8.18 10.56
N VAL B 42 -9.42 8.73 11.61
CA VAL B 42 -9.50 10.17 11.78
C VAL B 42 -8.19 10.63 12.40
N HIS B 43 -7.32 11.24 11.59
CA HIS B 43 -5.99 11.59 12.05
C HIS B 43 -6.05 12.71 13.10
N ILE B 44 -5.25 12.54 14.15
CA ILE B 44 -5.17 13.50 15.24
C ILE B 44 -3.69 13.77 15.53
N GLY B 45 -3.44 14.57 16.57
CA GLY B 45 -2.09 14.83 17.01
C GLY B 45 -1.54 13.68 17.83
N PRO B 46 -0.32 13.88 18.34
CA PRO B 46 0.31 12.83 19.16
C PRO B 46 -0.47 12.59 20.44
N LEU B 47 -1.08 11.41 20.57
CA LEU B 47 -1.89 11.06 21.72
C LEU B 47 -1.07 10.17 22.64
N ALA B 48 -0.68 10.71 23.79
CA ALA B 48 0.07 9.95 24.78
C ALA B 48 -0.90 9.18 25.69
N LYS B 49 -0.34 8.48 26.67
CA LYS B 49 -1.14 7.68 27.58
C LYS B 49 -1.84 8.51 28.64
N ASP B 50 -1.61 9.82 28.68
CA ASP B 50 -2.26 10.66 29.69
C ASP B 50 -3.77 10.68 29.50
N LYS B 51 -4.24 10.68 28.25
CA LYS B 51 -5.65 10.77 27.94
C LYS B 51 -6.26 9.45 27.48
N GLU B 52 -5.46 8.38 27.43
CA GLU B 52 -5.91 7.15 26.78
C GLU B 52 -7.10 6.52 27.50
N ASP B 53 -7.10 6.55 28.84
CA ASP B 53 -8.16 5.88 29.59
C ASP B 53 -9.47 6.65 29.49
N LYS B 54 -9.42 7.98 29.58
CA LYS B 54 -10.65 8.77 29.51
C LYS B 54 -11.21 8.79 28.09
N VAL B 55 -10.35 8.72 27.07
CA VAL B 55 -10.87 8.70 25.71
C VAL B 55 -11.38 7.30 25.34
N LYS B 56 -10.83 6.25 25.95
CA LYS B 56 -11.32 4.91 25.67
C LYS B 56 -12.67 4.66 26.31
N LYS B 57 -12.92 5.24 27.49
CA LYS B 57 -14.26 5.15 28.06
C LYS B 57 -15.24 6.06 27.34
N ARG B 58 -14.79 7.27 26.99
CA ARG B 58 -15.61 8.18 26.19
C ARG B 58 -15.90 7.60 24.82
N TYR B 59 -15.04 6.72 24.32
CA TYR B 59 -15.19 6.10 23.01
C TYR B 59 -15.06 4.60 23.15
N PRO B 60 -16.09 3.90 23.63
CA PRO B 60 -16.02 2.43 23.68
C PRO B 60 -16.12 1.83 22.29
N GLU B 61 -16.45 2.65 21.31
CA GLU B 61 -16.62 2.24 19.92
C GLU B 61 -15.32 2.32 19.12
N PHE B 62 -14.21 2.71 19.74
CA PHE B 62 -12.95 2.92 19.04
C PHE B 62 -11.86 2.09 19.70
N ARG B 63 -11.07 1.39 18.87
CA ARG B 63 -9.83 0.77 19.31
C ARG B 63 -8.68 1.67 18.91
N LEU B 64 -7.91 2.13 19.89
CA LEU B 64 -6.77 2.99 19.60
C LEU B 64 -5.63 2.17 19.02
N VAL B 65 -5.03 2.66 17.94
CA VAL B 65 -3.95 1.97 17.27
C VAL B 65 -2.83 2.97 17.01
N ASN B 66 -1.59 2.47 16.97
CA ASN B 66 -0.42 3.31 16.76
C ASN B 66 -0.21 3.45 15.26
N THR B 67 -0.15 4.70 14.78
CA THR B 67 0.07 4.97 13.37
C THR B 67 1.56 5.17 13.07
N GLY B 68 2.19 6.14 13.72
CA GLY B 68 3.56 6.49 13.42
C GLY B 68 4.40 6.75 14.65
N PRO B 69 5.54 7.42 14.44
CA PRO B 69 6.46 7.67 15.54
C PRO B 69 5.92 8.69 16.53
N GLY B 70 6.47 8.63 17.74
CA GLY B 70 6.13 9.60 18.77
C GLY B 70 4.68 9.57 19.21
N GLY B 71 4.12 8.37 19.36
CA GLY B 71 2.74 8.26 19.79
C GLY B 71 1.72 8.81 18.82
N LEU B 72 2.11 9.06 17.56
CA LEU B 72 1.17 9.54 16.56
C LEU B 72 0.13 8.45 16.29
N SER B 73 -1.11 8.67 16.73
CA SER B 73 -2.15 7.67 16.66
C SER B 73 -3.41 8.28 16.09
N ALA B 74 -4.46 7.45 15.99
CA ALA B 74 -5.76 7.88 15.50
C ALA B 74 -6.78 6.84 15.93
N LEU B 75 -7.96 7.31 16.32
CA LEU B 75 -8.99 6.42 16.85
C LEU B 75 -9.74 5.76 15.71
N LEU B 76 -9.63 4.44 15.62
CA LEU B 76 -10.33 3.67 14.60
C LEU B 76 -11.65 3.14 15.16
N ARG B 77 -12.75 3.49 14.50
CA ARG B 77 -14.06 3.01 14.92
C ARG B 77 -14.33 1.65 14.28
N GLN B 78 -14.60 0.65 15.11
CA GLN B 78 -14.86 -0.71 14.65
C GLN B 78 -16.31 -1.12 14.82
N SER B 79 -17.00 -0.58 15.80
CA SER B 79 -18.41 -0.85 16.03
C SER B 79 -19.16 0.47 16.10
N TYR B 80 -20.42 0.46 15.65
CA TYR B 80 -21.21 1.68 15.56
C TYR B 80 -22.66 1.26 15.85
N ALA B 81 -23.07 1.39 17.11
CA ALA B 81 -24.38 0.95 17.54
C ALA B 81 -25.19 2.13 18.05
N GLY B 82 -26.47 2.14 17.69
CA GLY B 82 -27.37 3.19 18.14
C GLY B 82 -28.27 2.71 19.26
N THR B 83 -28.10 3.28 20.45
CA THR B 83 -28.91 2.91 21.60
C THR B 83 -30.33 3.41 21.39
N ALA B 84 -31.24 2.50 21.06
CA ALA B 84 -32.60 2.88 20.70
C ALA B 84 -33.37 3.66 21.79
N PRO B 85 -33.12 3.47 23.11
CA PRO B 85 -33.83 4.30 24.09
C PRO B 85 -33.81 5.80 23.84
N ASN B 86 -32.84 6.30 23.06
CA ASN B 86 -32.81 7.71 22.72
C ASN B 86 -32.90 7.99 21.24
N CYS B 87 -32.07 7.34 20.42
CA CYS B 87 -31.84 7.81 19.05
C CYS B 87 -33.10 7.76 18.21
N CYS B 88 -33.77 6.61 18.17
CA CYS B 88 -34.90 6.45 17.26
C CYS B 88 -36.08 7.31 17.66
N ARG B 89 -36.18 7.73 18.93
CA ARG B 89 -37.28 8.60 19.32
C ARG B 89 -36.94 10.07 19.13
N THR B 90 -35.72 10.48 19.46
CA THR B 90 -35.26 11.85 19.24
C THR B 90 -34.50 11.86 17.92
N PHE B 91 -35.18 12.30 16.86
CA PHE B 91 -34.66 12.09 15.50
C PHE B 91 -33.38 12.89 15.26
N GLN B 92 -33.30 14.11 15.81
CA GLN B 92 -32.18 14.98 15.50
C GLN B 92 -30.86 14.43 16.03
N ARG B 93 -30.88 13.79 17.20
CA ARG B 93 -29.65 13.42 17.88
C ARG B 93 -28.92 12.29 17.16
N THR B 94 -27.97 12.63 16.31
CA THR B 94 -27.08 11.65 15.71
C THR B 94 -25.90 11.30 16.61
N HIS B 95 -25.66 12.09 17.66
CA HIS B 95 -24.63 11.77 18.64
C HIS B 95 -24.99 12.50 19.93
N TYR B 96 -25.39 11.73 20.94
CA TYR B 96 -25.76 12.28 22.23
C TYR B 96 -24.84 11.72 23.31
N TRP B 97 -24.76 12.44 24.42
CA TRP B 97 -23.88 12.06 25.51
C TRP B 97 -24.69 11.53 26.71
N LYS B 98 -23.95 11.05 27.70
CA LYS B 98 -24.49 10.44 28.91
C LYS B 98 -23.77 11.05 30.11
N LYS B 99 -24.35 12.13 30.64
CA LYS B 99 -23.79 12.84 31.77
C LYS B 99 -24.60 12.50 33.02
N ASP B 100 -23.93 11.95 34.03
CA ASP B 100 -24.55 11.49 35.27
C ASP B 100 -25.88 10.78 35.01
N GLY B 101 -25.89 9.88 34.04
CA GLY B 101 -27.09 9.15 33.69
C GLY B 101 -28.20 9.98 33.07
N LYS B 102 -27.86 10.89 32.17
CA LYS B 102 -28.85 11.70 31.47
C LYS B 102 -28.38 11.97 30.05
N ILE B 103 -29.32 11.89 29.11
CA ILE B 103 -29.02 12.21 27.71
C ILE B 103 -28.88 13.71 27.54
N SER B 104 -28.15 14.13 26.51
CA SER B 104 -27.89 15.54 26.26
C SER B 104 -27.78 15.79 24.76
N ASP B 105 -27.44 17.03 24.42
CA ASP B 105 -27.22 17.43 23.03
C ASP B 105 -25.93 18.23 22.83
N LYS B 106 -25.39 18.87 23.85
CA LYS B 106 -24.11 19.55 23.78
C LYS B 106 -23.03 18.64 24.37
N TYR B 107 -21.79 18.88 23.98
CA TYR B 107 -20.68 18.12 24.53
C TYR B 107 -20.33 18.62 25.93
N GLU B 108 -20.17 17.68 26.86
CA GLU B 108 -19.77 17.98 28.22
C GLU B 108 -18.65 17.04 28.65
N GLU B 109 -17.85 17.51 29.61
CA GLU B 109 -16.74 16.71 30.12
C GLU B 109 -17.24 15.47 30.84
N GLY B 110 -16.50 14.37 30.70
CA GLY B 110 -16.78 13.17 31.44
C GLY B 110 -17.91 12.32 30.88
N ALA B 111 -18.89 12.96 30.25
CA ALA B 111 -20.02 12.24 29.69
C ALA B 111 -19.55 11.33 28.55
N VAL B 112 -19.89 10.04 28.64
CA VAL B 112 -19.51 9.11 27.59
C VAL B 112 -20.22 9.48 26.30
N LEU B 113 -19.49 9.41 25.19
CA LEU B 113 -20.02 9.77 23.89
C LEU B 113 -20.56 8.53 23.18
N GLU B 114 -21.75 8.67 22.60
CA GLU B 114 -22.33 7.60 21.81
C GLU B 114 -23.10 8.22 20.65
N SER B 115 -22.82 7.72 19.46
CA SER B 115 -23.51 8.16 18.26
C SER B 115 -24.60 7.15 17.90
N CYS B 116 -25.22 7.35 16.74
CA CYS B 116 -26.29 6.47 16.29
C CYS B 116 -25.95 5.93 14.91
N TRP B 117 -26.46 4.73 14.64
CA TRP B 117 -26.22 4.08 13.36
C TRP B 117 -26.69 4.97 12.22
N PRO B 118 -25.89 5.17 11.17
CA PRO B 118 -26.30 6.06 10.09
C PRO B 118 -27.54 5.53 9.41
N ASP B 119 -28.39 6.47 8.95
CA ASP B 119 -29.71 6.22 8.38
C ASP B 119 -30.35 5.00 9.03
N VAL B 120 -30.47 5.05 10.37
CA VAL B 120 -30.95 3.89 11.12
C VAL B 120 -32.38 3.52 10.72
N HIS B 121 -33.14 4.49 10.20
CA HIS B 121 -34.48 4.21 9.72
C HIS B 121 -34.47 3.46 8.39
N ASP B 122 -33.32 3.38 7.73
CA ASP B 122 -33.11 2.50 6.59
C ASP B 122 -32.62 1.12 7.02
N THR B 123 -32.49 0.88 8.32
CA THR B 123 -32.05 -0.40 8.87
C THR B 123 -33.12 -1.09 9.68
N GLY B 124 -33.93 -0.34 10.42
CA GLY B 124 -35.01 -0.94 11.18
C GLY B 124 -34.64 -1.51 12.52
N LYS B 125 -33.57 -1.02 13.15
CA LYS B 125 -33.17 -1.55 14.45
C LYS B 125 -34.21 -1.24 15.52
N CYS B 126 -34.82 -0.07 15.47
CA CYS B 126 -35.76 0.36 16.50
C CYS B 126 -37.23 0.14 16.10
N ASP B 127 -37.51 -0.65 15.07
CA ASP B 127 -38.90 -0.89 14.70
C ASP B 127 -39.65 -1.61 15.83
N VAL B 128 -38.99 -2.58 16.48
CA VAL B 128 -39.64 -3.30 17.57
C VAL B 128 -39.87 -2.39 18.77
N ASP B 129 -38.88 -1.58 19.12
CA ASP B 129 -39.03 -0.68 20.26
C ASP B 129 -40.10 0.37 19.99
N LEU B 130 -40.16 0.89 18.76
CA LEU B 130 -41.17 1.87 18.41
C LEU B 130 -42.57 1.28 18.41
N PHE B 131 -42.70 -0.04 18.29
CA PHE B 131 -44.02 -0.67 18.31
C PHE B 131 -44.68 -0.57 19.68
N ASP B 132 -43.89 -0.54 20.74
CA ASP B 132 -44.43 -0.47 22.09
C ASP B 132 -43.92 0.77 22.82
N HIS B 145 -45.82 9.04 11.96
CA HIS B 145 -45.36 10.11 11.09
C HIS B 145 -43.85 10.04 10.86
N GLN B 146 -43.11 9.75 11.93
CA GLN B 146 -41.65 9.83 11.86
C GLN B 146 -41.06 8.56 11.25
N TRP B 147 -41.27 7.41 11.89
CA TRP B 147 -40.70 6.16 11.42
C TRP B 147 -41.54 5.47 10.35
N ILE B 148 -42.82 5.80 10.26
CA ILE B 148 -43.67 5.18 9.25
C ILE B 148 -43.29 5.67 7.86
N GLY B 149 -42.75 6.90 7.78
CA GLY B 149 -42.31 7.44 6.50
C GLY B 149 -41.04 6.82 5.97
N SER B 150 -40.33 6.04 6.79
CA SER B 150 -39.12 5.35 6.36
C SER B 150 -39.43 4.03 5.65
N ALA B 151 -40.70 3.73 5.39
CA ALA B 151 -41.06 2.48 4.75
C ALA B 151 -40.54 2.42 3.31
N PHE B 152 -40.81 3.46 2.53
CA PHE B 152 -40.37 3.46 1.13
C PHE B 152 -38.88 3.76 0.98
N ASN B 153 -38.26 4.38 1.98
CA ASN B 153 -36.83 4.63 1.96
C ASN B 153 -36.00 3.40 2.31
N ARG B 154 -36.64 2.22 2.32
CA ARG B 154 -35.95 0.97 2.64
C ARG B 154 -35.27 0.42 1.39
N ALA B 155 -34.27 1.17 0.92
CA ALA B 155 -33.48 0.79 -0.24
C ALA B 155 -32.19 0.09 0.12
N ASP B 156 -31.98 -0.21 1.42
CA ASP B 156 -30.75 -0.87 1.83
C ASP B 156 -30.65 -2.29 1.28
N ARG B 157 -31.78 -2.92 1.00
CA ARG B 157 -31.84 -4.25 0.38
C ARG B 157 -31.17 -5.32 1.24
N THR B 158 -31.00 -5.08 2.53
CA THR B 158 -30.38 -6.06 3.40
C THR B 158 -31.34 -7.21 3.68
N VAL B 159 -30.79 -8.43 3.73
CA VAL B 159 -31.62 -9.61 3.98
C VAL B 159 -32.25 -9.53 5.36
N GLU B 160 -31.47 -9.14 6.37
CA GLU B 160 -32.00 -9.05 7.73
C GLU B 160 -33.08 -7.98 7.83
N GLY B 161 -32.86 -6.82 7.21
CA GLY B 161 -33.81 -5.74 7.32
C GLY B 161 -35.14 -6.02 6.63
N GLN B 162 -35.09 -6.65 5.45
CA GLN B 162 -36.30 -6.87 4.67
C GLN B 162 -37.27 -7.80 5.39
N GLN B 163 -36.77 -8.87 6.00
CA GLN B 163 -37.65 -9.83 6.69
C GLN B 163 -38.36 -9.16 7.86
N SER B 164 -37.64 -8.36 8.64
CA SER B 164 -38.28 -7.66 9.75
C SER B 164 -39.22 -6.57 9.24
N LEU B 165 -38.95 -6.04 8.05
CA LEU B 165 -39.82 -5.02 7.47
C LEU B 165 -41.20 -5.60 7.14
N ILE B 166 -41.23 -6.75 6.47
CA ILE B 166 -42.51 -7.36 6.12
C ILE B 166 -43.19 -7.91 7.36
N ASN B 167 -42.42 -8.27 8.39
CA ASN B 167 -43.01 -8.66 9.67
C ASN B 167 -43.77 -7.50 10.29
N LEU B 168 -43.17 -6.30 10.26
CA LEU B 168 -43.83 -5.13 10.79
C LEU B 168 -45.02 -4.73 9.92
N TYR B 169 -44.89 -4.87 8.60
CA TYR B 169 -45.97 -4.48 7.70
C TYR B 169 -47.21 -5.34 7.91
N ASN B 170 -47.01 -6.66 8.03
CA ASN B 170 -48.15 -7.55 8.24
C ASN B 170 -48.79 -7.32 9.61
N LYS B 171 -47.96 -7.12 10.63
CA LYS B 171 -48.50 -6.86 11.96
C LYS B 171 -49.30 -5.57 12.01
N MET B 172 -48.78 -4.51 11.37
CA MET B 172 -49.51 -3.25 11.35
C MET B 172 -50.81 -3.38 10.58
N GLN B 173 -50.81 -4.15 9.47
CA GLN B 173 -52.01 -4.30 8.66
C GLN B 173 -53.12 -4.98 9.46
N THR B 174 -52.78 -6.04 10.20
CA THR B 174 -53.80 -6.77 10.95
C THR B 174 -54.26 -5.99 12.17
N LEU B 175 -53.33 -5.41 12.92
CA LEU B 175 -53.70 -4.68 14.14
C LEU B 175 -54.52 -3.42 13.82
N CYS B 176 -54.27 -2.79 12.68
CA CYS B 176 -55.10 -1.66 12.27
C CYS B 176 -56.46 -2.12 11.76
N SER B 177 -56.52 -3.30 11.12
CA SER B 177 -57.79 -3.79 10.60
C SER B 177 -58.79 -4.08 11.72
N LYS B 178 -58.32 -4.68 12.81
CA LYS B 178 -59.19 -5.01 13.92
C LYS B 178 -59.65 -3.75 14.66
N PRO B 183 -54.42 6.57 16.39
CA PRO B 183 -53.55 7.65 15.91
C PRO B 183 -52.48 7.16 14.94
N ILE B 184 -51.65 6.20 15.36
CA ILE B 184 -50.63 5.65 14.49
C ILE B 184 -51.29 4.89 13.33
N CYS B 185 -52.31 4.10 13.64
CA CYS B 185 -53.05 3.41 12.58
C CYS B 185 -53.76 4.39 11.65
N GLU B 186 -54.34 5.45 12.23
CA GLU B 186 -55.05 6.44 11.42
C GLU B 186 -54.10 7.13 10.45
N SER B 187 -52.90 7.48 10.91
CA SER B 187 -51.92 8.09 10.02
C SER B 187 -51.49 7.10 8.93
N PHE B 188 -51.39 5.82 9.27
CA PHE B 188 -50.95 4.81 8.30
C PHE B 188 -51.88 4.75 7.10
N LEU B 189 -53.18 4.97 7.34
CA LEU B 189 -54.13 4.99 6.23
C LEU B 189 -53.80 6.11 5.24
N HIS B 190 -53.37 7.26 5.75
CA HIS B 190 -53.01 8.37 4.88
C HIS B 190 -51.69 8.10 4.16
N HIS B 191 -50.73 7.49 4.85
CA HIS B 191 -49.46 7.15 4.21
C HIS B 191 -49.64 6.08 3.14
N LEU B 192 -50.69 5.27 3.26
CA LEU B 192 -50.90 4.15 2.33
C LEU B 192 -51.67 4.62 1.09
N ARG B 193 -51.05 5.53 0.35
CA ARG B 193 -51.54 5.95 -0.96
C ARG B 193 -50.69 5.39 -2.09
N ALA B 194 -49.38 5.67 -2.07
CA ALA B 194 -48.49 5.09 -3.07
C ALA B 194 -47.16 4.64 -2.47
N HIS B 195 -47.08 4.45 -1.16
CA HIS B 195 -45.84 4.06 -0.50
C HIS B 195 -45.36 2.69 -0.97
N TYR C 1 15.80 -9.51 5.31
CA TYR C 1 16.43 -8.32 5.88
C TYR C 1 17.63 -7.83 5.07
N ARG C 2 18.32 -8.74 4.38
CA ARG C 2 19.46 -8.35 3.56
C ARG C 2 19.61 -9.32 2.40
N LEU C 3 19.40 -8.81 1.18
CA LEU C 3 19.75 -9.54 -0.03
C LEU C 3 21.15 -9.13 -0.49
N GLN C 4 22.10 -9.22 0.44
CA GLN C 4 23.47 -8.80 0.17
C GLN C 4 24.24 -9.81 -0.66
N GLY C 5 24.40 -11.04 -0.17
CA GLY C 5 25.12 -12.06 -0.92
C GLY C 5 24.35 -12.68 -2.06
N PHE C 6 23.06 -12.37 -2.17
CA PHE C 6 22.25 -12.96 -3.24
C PHE C 6 22.76 -12.55 -4.61
N THR C 7 23.07 -11.27 -4.78
CA THR C 7 23.60 -10.79 -6.07
C THR C 7 24.98 -11.37 -6.34
N ASN C 8 25.80 -11.51 -5.30
CA ASN C 8 27.16 -12.01 -5.47
C ASN C 8 27.19 -13.43 -6.00
N ALA C 9 26.16 -14.23 -5.69
CA ALA C 9 26.11 -15.59 -6.21
C ALA C 9 26.08 -15.61 -7.72
N GLY C 10 25.25 -14.75 -8.33
CA GLY C 10 25.26 -14.62 -9.77
C GLY C 10 26.54 -14.03 -10.31
N ILE C 11 27.14 -13.10 -9.56
CA ILE C 11 28.40 -12.50 -9.97
C ILE C 11 29.49 -13.56 -10.07
N VAL C 12 29.56 -14.43 -9.06
CA VAL C 12 30.54 -15.52 -9.07
C VAL C 12 30.26 -16.48 -10.22
N ALA C 13 28.98 -16.69 -10.53
CA ALA C 13 28.63 -17.57 -11.65
C ALA C 13 29.13 -17.00 -12.97
N TYR C 14 29.23 -15.68 -13.07
CA TYR C 14 29.86 -15.08 -14.25
C TYR C 14 31.38 -15.27 -14.21
N LYS C 15 31.96 -15.26 -13.01
CA LYS C 15 33.42 -15.29 -12.88
C LYS C 15 34.02 -16.55 -13.51
N ASN C 16 33.37 -17.70 -13.33
CA ASN C 16 33.91 -18.95 -13.86
C ASN C 16 33.70 -19.10 -15.35
N ILE C 17 33.30 -18.04 -16.05
CA ILE C 17 33.20 -18.08 -17.50
C ILE C 17 34.58 -17.82 -18.11
N GLN C 18 35.00 -18.70 -19.01
CA GLN C 18 36.25 -18.55 -19.75
C GLN C 18 35.88 -18.48 -21.23
N ASP C 19 35.56 -17.28 -21.70
CA ASP C 19 35.13 -17.08 -23.07
C ASP C 19 35.26 -15.58 -23.39
N ASP C 20 34.76 -15.19 -24.56
CA ASP C 20 34.82 -13.81 -25.01
C ASP C 20 33.51 -13.27 -25.56
N ASN C 21 32.39 -13.97 -25.37
CA ASN C 21 31.09 -13.55 -25.86
C ASN C 21 30.09 -13.74 -24.72
N ILE C 22 29.90 -12.70 -23.90
CA ILE C 22 29.22 -12.83 -22.62
C ILE C 22 28.04 -11.86 -22.56
N VAL C 23 26.87 -12.37 -22.20
CA VAL C 23 25.70 -11.54 -21.90
C VAL C 23 25.17 -11.98 -20.54
N PHE C 24 26.06 -12.43 -19.66
CA PHE C 24 25.65 -13.16 -18.47
C PHE C 24 24.63 -12.37 -17.64
N SER C 25 23.73 -13.10 -16.99
CA SER C 25 22.58 -12.54 -16.29
C SER C 25 22.58 -13.01 -14.85
N PRO C 26 23.31 -12.34 -13.95
CA PRO C 26 23.40 -12.81 -12.56
C PRO C 26 22.07 -12.87 -11.83
N PHE C 27 21.14 -11.95 -12.11
CA PHE C 27 19.89 -11.93 -11.35
C PHE C 27 19.04 -13.15 -11.64
N GLY C 28 19.04 -13.63 -12.89
CA GLY C 28 18.24 -14.79 -13.22
C GLY C 28 18.74 -16.06 -12.55
N TYR C 29 20.06 -16.25 -12.53
CA TYR C 29 20.62 -17.47 -11.96
C TYR C 29 20.44 -17.50 -10.45
N SER C 30 20.63 -16.36 -9.78
CA SER C 30 20.59 -16.34 -8.32
C SER C 30 19.18 -16.54 -7.80
N PHE C 31 18.17 -16.06 -8.53
CA PHE C 31 16.79 -16.13 -8.05
C PHE C 31 16.34 -17.58 -7.87
N SER C 32 16.67 -18.44 -8.83
CA SER C 32 16.24 -19.83 -8.76
C SER C 32 16.96 -20.58 -7.65
N MET C 33 18.24 -20.27 -7.42
CA MET C 33 18.99 -21.00 -6.41
C MET C 33 18.54 -20.62 -5.00
N PHE C 34 18.25 -19.35 -4.75
CA PHE C 34 17.93 -18.92 -3.39
C PHE C 34 16.52 -19.35 -2.99
N MET C 35 15.55 -19.16 -3.89
CA MET C 35 14.16 -19.45 -3.59
C MET C 35 13.85 -20.95 -3.63
N SER C 36 14.77 -21.76 -4.14
CA SER C 36 14.64 -23.21 -4.03
C SER C 36 14.79 -23.71 -2.61
N LEU C 37 14.94 -22.82 -1.63
CA LEU C 37 15.00 -23.22 -0.23
C LEU C 37 13.67 -23.76 0.28
N LEU C 38 12.58 -23.59 -0.50
CA LEU C 38 11.26 -24.00 0.01
C LEU C 38 11.15 -25.52 0.14
N PRO C 39 11.32 -26.32 -0.93
CA PRO C 39 11.18 -27.78 -0.75
C PRO C 39 12.34 -28.42 -0.03
N ALA C 40 13.48 -27.73 0.09
CA ALA C 40 14.63 -28.29 0.76
C ALA C 40 14.34 -28.48 2.25
N SER C 41 14.90 -29.55 2.81
CA SER C 41 14.72 -29.87 4.22
C SER C 41 15.89 -30.74 4.67
N GLY C 42 15.88 -31.07 5.96
CA GLY C 42 16.90 -31.95 6.53
C GLY C 42 18.31 -31.47 6.29
N ASN C 43 19.08 -32.25 5.51
CA ASN C 43 20.47 -31.89 5.23
C ASN C 43 20.57 -30.81 4.18
N THR C 44 19.66 -30.78 3.21
CA THR C 44 19.75 -29.80 2.14
C THR C 44 19.41 -28.39 2.64
N ARG C 45 18.50 -28.29 3.61
CA ARG C 45 18.15 -26.98 4.14
C ARG C 45 19.34 -26.32 4.82
N ILE C 46 20.11 -27.09 5.60
CA ILE C 46 21.20 -26.51 6.36
C ILE C 46 22.36 -26.08 5.46
N GLU C 47 22.58 -26.78 4.34
CA GLU C 47 23.73 -26.44 3.50
C GLU C 47 23.52 -25.13 2.76
N LEU C 48 22.32 -24.89 2.24
CA LEU C 48 22.06 -23.62 1.55
C LEU C 48 22.04 -22.44 2.52
N LEU C 49 21.60 -22.66 3.77
CA LEU C 49 21.64 -21.58 4.75
C LEU C 49 23.08 -21.21 5.09
N LYS C 50 23.98 -22.19 5.12
CA LYS C 50 25.39 -21.89 5.30
C LYS C 50 25.97 -21.11 4.13
N THR C 51 25.40 -21.31 2.93
CA THR C 51 25.94 -20.68 1.72
C THR C 51 25.89 -19.16 1.82
N MET C 52 24.68 -18.61 1.96
CA MET C 52 24.46 -17.17 1.83
C MET C 52 24.51 -16.47 3.19
N ASP C 53 25.04 -17.15 4.21
CA ASP C 53 25.15 -16.62 5.57
C ASP C 53 23.79 -16.23 6.16
N LEU C 54 22.75 -16.99 5.80
CA LEU C 54 21.42 -16.78 6.38
C LEU C 54 21.31 -17.62 7.65
N ARG C 55 21.18 -16.96 8.79
CA ARG C 55 20.79 -17.67 9.99
C ARG C 55 19.39 -18.24 9.81
N LYS C 56 19.16 -19.42 10.38
CA LYS C 56 17.94 -20.14 10.09
C LYS C 56 16.71 -19.46 10.71
N ARG C 57 16.90 -18.60 11.71
CA ARG C 57 15.79 -17.79 12.20
C ARG C 57 15.38 -16.73 11.19
N ASP C 58 16.29 -16.35 10.29
CA ASP C 58 16.04 -15.24 9.38
C ASP C 58 15.21 -15.63 8.16
N LEU C 59 15.04 -16.91 7.87
CA LEU C 59 14.15 -17.31 6.79
C LEU C 59 12.74 -16.84 7.09
N GLY C 60 11.99 -16.53 6.04
CA GLY C 60 10.80 -15.73 6.21
C GLY C 60 11.05 -14.32 5.74
N PRO C 61 11.42 -13.43 6.67
CA PRO C 61 11.70 -12.02 6.32
C PRO C 61 12.57 -11.80 5.08
N ALA C 62 13.37 -12.79 4.69
CA ALA C 62 14.14 -12.66 3.45
C ALA C 62 13.21 -12.49 2.26
N PHE C 63 12.08 -13.20 2.26
CA PHE C 63 11.11 -13.07 1.18
C PHE C 63 10.51 -11.67 1.13
N THR C 64 10.44 -10.98 2.27
CA THR C 64 9.77 -9.68 2.31
C THR C 64 10.57 -8.61 1.57
N GLU C 65 11.88 -8.52 1.84
CA GLU C 65 12.69 -7.52 1.13
C GLU C 65 12.78 -7.84 -0.34
N LEU C 66 12.78 -9.13 -0.70
CA LEU C 66 12.75 -9.49 -2.11
C LEU C 66 11.50 -8.92 -2.78
N ILE C 67 10.35 -9.03 -2.11
CA ILE C 67 9.11 -8.47 -2.66
C ILE C 67 9.23 -6.95 -2.79
N SER C 68 9.79 -6.29 -1.79
CA SER C 68 9.95 -4.83 -1.86
C SER C 68 10.86 -4.44 -3.02
N GLY C 69 11.92 -5.22 -3.26
CA GLY C 69 12.78 -4.94 -4.39
C GLY C 69 12.11 -5.14 -5.72
N LEU C 70 11.29 -6.19 -5.85
CA LEU C 70 10.61 -6.46 -7.12
C LEU C 70 9.64 -5.34 -7.46
N ALA C 71 8.93 -4.81 -6.47
CA ALA C 71 8.01 -3.71 -6.72
C ALA C 71 8.75 -2.41 -6.99
N LYS C 72 9.88 -2.21 -6.30
CA LYS C 72 10.60 -0.95 -6.42
C LYS C 72 11.20 -0.77 -7.82
N LEU C 73 11.45 -1.86 -8.54
CA LEU C 73 11.97 -1.79 -9.89
C LEU C 73 10.96 -1.24 -10.89
N LYS C 74 9.71 -1.08 -10.49
CA LYS C 74 8.66 -0.51 -11.34
C LYS C 74 8.27 0.84 -10.75
N THR C 75 8.78 1.93 -11.33
CA THR C 75 8.44 3.27 -10.85
C THR C 75 8.04 4.20 -11.99
N SER C 76 7.91 3.71 -13.22
CA SER C 76 7.56 4.54 -14.36
C SER C 76 7.05 3.63 -15.47
N LYS C 77 6.87 4.19 -16.66
CA LYS C 77 6.46 3.43 -17.83
C LYS C 77 7.50 3.42 -18.94
N TYR C 78 8.27 4.49 -19.09
CA TYR C 78 9.30 4.52 -20.14
C TYR C 78 10.43 3.53 -19.83
N THR C 79 10.74 3.33 -18.56
CA THR C 79 11.78 2.40 -18.14
C THR C 79 11.26 1.58 -16.98
N TYR C 80 11.12 0.27 -17.18
CA TYR C 80 10.54 -0.60 -16.16
C TYR C 80 11.28 -1.93 -16.17
N THR C 81 10.74 -2.91 -15.45
CA THR C 81 11.35 -4.21 -15.29
C THR C 81 10.24 -5.25 -15.14
N ASP C 82 10.61 -6.52 -15.24
CA ASP C 82 9.64 -7.60 -15.10
C ASP C 82 10.33 -8.82 -14.51
N LEU C 83 9.52 -9.69 -13.89
CA LEU C 83 10.02 -10.94 -13.32
C LEU C 83 8.85 -11.88 -13.02
N THR C 84 8.97 -13.14 -13.44
CA THR C 84 7.97 -14.15 -13.18
C THR C 84 8.66 -15.43 -12.73
N TYR C 85 7.85 -16.39 -12.29
CA TYR C 85 8.36 -17.68 -11.84
C TYR C 85 7.32 -18.75 -12.13
N GLN C 86 7.79 -19.97 -12.34
CA GLN C 86 6.94 -21.11 -12.64
C GLN C 86 7.71 -22.40 -12.44
N SER C 87 7.05 -23.40 -11.86
CA SER C 87 7.63 -24.71 -11.58
C SER C 87 6.75 -25.78 -12.20
N PHE C 88 7.13 -27.04 -12.01
CA PHE C 88 6.40 -28.15 -12.60
C PHE C 88 6.48 -29.35 -11.68
N VAL C 89 5.35 -30.02 -11.47
CA VAL C 89 5.27 -31.23 -10.63
C VAL C 89 4.43 -32.26 -11.37
N ASP C 90 4.92 -33.49 -11.42
CA ASP C 90 4.24 -34.55 -12.15
C ASP C 90 3.04 -35.08 -11.35
N ASN C 91 2.11 -35.71 -12.08
CA ASN C 91 0.93 -36.29 -11.45
C ASN C 91 1.30 -37.41 -10.49
N THR C 92 2.26 -38.26 -10.87
CA THR C 92 2.65 -39.38 -10.03
C THR C 92 3.32 -38.94 -8.74
N VAL C 93 3.72 -37.67 -8.64
CA VAL C 93 4.32 -37.17 -7.41
C VAL C 93 3.26 -37.08 -6.33
N SER C 94 3.55 -37.63 -5.15
CA SER C 94 2.61 -37.65 -4.04
C SER C 94 2.70 -36.31 -3.32
N ILE C 95 1.92 -35.35 -3.79
CA ILE C 95 1.95 -33.99 -3.25
C ILE C 95 1.22 -33.99 -1.90
N LYS C 96 1.87 -33.41 -0.89
CA LYS C 96 1.23 -33.26 0.41
C LYS C 96 0.02 -32.34 0.29
N PRO C 97 -1.10 -32.66 0.95
CA PRO C 97 -2.27 -31.77 0.89
C PRO C 97 -1.99 -30.37 1.40
N SER C 98 -1.02 -30.19 2.30
CA SER C 98 -0.70 -28.87 2.81
C SER C 98 -0.22 -27.95 1.69
N TYR C 99 0.63 -28.46 0.80
CA TYR C 99 1.22 -27.62 -0.24
C TYR C 99 0.20 -27.24 -1.30
N TYR C 100 -0.83 -28.07 -1.51
CA TYR C 100 -1.73 -27.85 -2.64
C TYR C 100 -2.61 -26.62 -2.46
N GLN C 101 -2.61 -26.00 -1.28
CA GLN C 101 -3.21 -24.69 -1.09
C GLN C 101 -2.28 -23.68 -0.45
N GLN C 102 -1.20 -24.12 0.19
CA GLN C 102 -0.24 -23.18 0.78
C GLN C 102 0.40 -22.32 -0.30
N TYR C 103 0.78 -22.92 -1.42
CA TYR C 103 1.39 -22.21 -2.54
C TYR C 103 0.74 -22.57 -3.86
N HIS C 104 -0.57 -22.82 -3.86
CA HIS C 104 -1.25 -23.29 -5.06
C HIS C 104 -1.17 -22.28 -6.19
N ARG C 105 -1.38 -21.01 -5.86
CA ARG C 105 -1.42 -19.95 -6.86
C ARG C 105 -0.04 -19.47 -7.29
N PHE C 106 1.02 -19.83 -6.54
CA PHE C 106 2.37 -19.48 -6.97
C PHE C 106 2.78 -20.30 -8.18
N GLY C 107 2.56 -21.61 -8.14
CA GLY C 107 2.99 -22.50 -9.19
C GLY C 107 2.62 -23.95 -8.94
N LEU C 108 3.59 -24.85 -9.12
CA LEU C 108 3.41 -26.27 -8.87
C LEU C 108 2.28 -26.85 -9.72
N TYR C 109 2.22 -26.43 -10.99
CA TYR C 109 1.21 -26.95 -11.90
C TYR C 109 1.46 -28.43 -12.19
N ARG C 110 0.39 -29.20 -12.24
CA ARG C 110 0.48 -30.64 -12.46
C ARG C 110 0.48 -30.97 -13.94
N LEU C 111 1.23 -32.01 -14.30
CA LEU C 111 1.35 -32.44 -15.69
C LEU C 111 1.92 -33.86 -15.70
N ASN C 112 2.10 -34.39 -16.90
CA ASN C 112 2.74 -35.69 -17.10
C ASN C 112 3.93 -35.53 -18.03
N PHE C 113 5.07 -36.08 -17.64
CA PHE C 113 6.30 -35.92 -18.40
C PHE C 113 6.36 -36.79 -19.64
N ARG C 114 5.40 -37.68 -19.85
CA ARG C 114 5.47 -38.67 -20.92
C ARG C 114 4.47 -38.41 -22.05
N ARG C 115 3.79 -37.27 -22.04
CA ARG C 115 2.84 -36.91 -23.10
C ARG C 115 3.09 -35.48 -23.54
N ASP C 116 3.98 -35.31 -24.52
CA ASP C 116 4.32 -34.00 -25.08
C ASP C 116 4.72 -33.03 -23.98
N ALA C 117 5.63 -33.47 -23.11
CA ALA C 117 6.04 -32.65 -21.98
C ALA C 117 6.72 -31.37 -22.43
N VAL C 118 7.42 -31.39 -23.55
CA VAL C 118 8.05 -30.18 -24.07
C VAL C 118 7.01 -29.13 -24.38
N ASN C 119 5.90 -29.52 -25.01
CA ASN C 119 4.82 -28.59 -25.30
C ASN C 119 4.17 -28.08 -24.02
N LYS C 120 4.08 -28.93 -22.99
CA LYS C 120 3.50 -28.50 -21.72
C LYS C 120 4.34 -27.39 -21.09
N ILE C 121 5.66 -27.51 -21.15
CA ILE C 121 6.53 -26.44 -20.66
C ILE C 121 6.38 -25.19 -21.52
N ASN C 122 6.16 -25.37 -22.83
CA ASN C 122 6.11 -24.24 -23.74
C ASN C 122 4.91 -23.34 -23.46
N SER C 123 3.72 -23.94 -23.28
CA SER C 123 2.48 -23.18 -23.21
C SER C 123 2.41 -22.26 -21.99
N ILE C 124 3.26 -22.45 -20.98
CA ILE C 124 3.15 -21.65 -19.77
C ILE C 124 4.18 -20.53 -19.72
N VAL C 125 5.27 -20.62 -20.49
CA VAL C 125 6.33 -19.62 -20.43
C VAL C 125 5.86 -18.29 -21.03
N GLU C 126 5.21 -18.35 -22.19
CA GLU C 126 4.87 -17.12 -22.90
C GLU C 126 3.74 -16.36 -22.21
N ARG C 127 2.93 -17.05 -21.41
CA ARG C 127 1.89 -16.34 -20.66
C ARG C 127 2.48 -15.58 -19.48
N ARG C 128 3.45 -16.18 -18.79
CA ARG C 128 4.02 -15.53 -17.61
C ARG C 128 4.82 -14.29 -17.98
N SER C 129 5.53 -14.32 -19.10
CA SER C 129 6.39 -13.21 -19.50
C SER C 129 6.63 -13.29 -21.00
N GLY C 130 7.53 -12.45 -21.50
CA GLY C 130 7.80 -12.30 -22.92
C GLY C 130 8.84 -13.24 -23.51
N MET C 131 9.23 -14.29 -22.78
CA MET C 131 10.16 -15.27 -23.33
C MET C 131 9.57 -16.00 -24.53
N SER C 132 10.45 -16.35 -25.47
CA SER C 132 10.07 -17.14 -26.64
C SER C 132 11.09 -18.26 -26.81
N ASN C 133 10.62 -19.50 -26.66
CA ASN C 133 11.43 -20.70 -26.87
C ASN C 133 12.68 -20.72 -25.97
N VAL C 134 12.43 -20.77 -24.66
CA VAL C 134 13.50 -21.05 -23.71
C VAL C 134 13.81 -22.53 -23.64
N VAL C 135 12.95 -23.37 -24.19
CA VAL C 135 13.07 -24.81 -24.10
C VAL C 135 13.75 -25.35 -25.35
N ASP C 136 14.24 -26.59 -25.26
CA ASP C 136 14.86 -27.27 -26.38
C ASP C 136 14.40 -28.72 -26.39
N SER C 137 14.52 -29.35 -27.57
CA SER C 137 13.92 -30.66 -27.78
C SER C 137 14.53 -31.72 -26.88
N ASN C 138 15.86 -31.71 -26.73
CA ASN C 138 16.56 -32.76 -25.99
C ASN C 138 16.55 -32.53 -24.48
N MET C 139 15.61 -31.72 -23.98
CA MET C 139 15.63 -31.36 -22.56
C MET C 139 15.29 -32.53 -21.66
N LEU C 140 14.52 -33.49 -22.14
CA LEU C 140 13.90 -34.50 -21.27
C LEU C 140 14.26 -35.90 -21.73
N ASP C 141 14.33 -36.81 -20.75
CA ASP C 141 14.61 -38.22 -20.98
C ASP C 141 13.72 -39.04 -20.03
N ASN C 142 14.05 -40.32 -19.89
CA ASN C 142 13.17 -41.27 -19.20
C ASN C 142 13.12 -41.07 -17.69
N ASN C 143 14.00 -40.27 -17.10
CA ASN C 143 14.04 -40.10 -15.66
C ASN C 143 13.61 -38.70 -15.22
N THR C 144 12.83 -38.00 -16.03
CA THR C 144 12.39 -36.66 -15.68
C THR C 144 11.14 -36.70 -14.82
N LEU C 145 11.20 -36.04 -13.66
CA LEU C 145 10.06 -35.95 -12.76
C LEU C 145 9.87 -34.58 -12.13
N TRP C 146 10.62 -33.55 -12.54
CA TRP C 146 10.57 -32.26 -11.89
C TRP C 146 11.08 -31.20 -12.86
N ALA C 147 10.76 -29.94 -12.58
CA ALA C 147 11.23 -28.83 -13.41
C ALA C 147 11.03 -27.52 -12.67
N ILE C 148 11.73 -26.49 -13.16
CA ILE C 148 11.68 -25.15 -12.58
C ILE C 148 12.24 -24.17 -13.59
N ILE C 149 11.73 -22.93 -13.57
CA ILE C 149 12.01 -21.95 -14.61
C ILE C 149 12.04 -20.56 -14.00
N ASN C 150 12.91 -19.69 -14.54
CA ASN C 150 12.98 -18.27 -14.17
C ASN C 150 12.94 -17.42 -15.44
N THR C 151 12.84 -16.10 -15.25
CA THR C 151 12.63 -15.16 -16.35
C THR C 151 13.01 -13.74 -15.93
N ILE C 152 13.64 -13.00 -16.84
CA ILE C 152 13.85 -11.56 -16.69
C ILE C 152 13.69 -10.88 -18.03
N TYR C 153 13.05 -9.70 -18.03
CA TYR C 153 12.98 -8.84 -19.21
C TYR C 153 13.27 -7.42 -18.78
N PHE C 154 13.77 -6.60 -19.71
CA PHE C 154 14.23 -5.26 -19.39
C PHE C 154 13.90 -4.30 -20.52
N LYS C 155 13.87 -3.00 -20.17
CA LYS C 155 13.65 -1.93 -21.14
C LYS C 155 14.12 -0.62 -20.51
N GLY C 156 15.00 0.10 -21.22
CA GLY C 156 15.50 1.35 -20.72
C GLY C 156 15.70 2.35 -21.84
N ILE C 157 15.76 3.64 -21.46
CA ILE C 157 15.96 4.74 -22.39
C ILE C 157 16.97 5.71 -21.78
N TRP C 158 17.89 6.21 -22.61
CA TRP C 158 18.96 7.07 -22.14
C TRP C 158 18.41 8.36 -21.53
N GLN C 159 19.26 9.02 -20.75
CA GLN C 159 18.94 10.34 -20.21
C GLN C 159 19.22 11.42 -21.23
N TYR C 160 20.49 11.55 -21.65
CA TYR C 160 20.86 12.51 -22.68
C TYR C 160 20.72 11.86 -24.04
N PRO C 161 19.88 12.40 -24.93
CA PRO C 161 19.70 11.77 -26.25
C PRO C 161 20.99 11.79 -27.06
N PHE C 162 21.13 10.78 -27.92
CA PHE C 162 22.30 10.67 -28.77
C PHE C 162 22.39 11.86 -29.72
N ASP C 163 23.60 12.34 -29.97
CA ASP C 163 23.81 13.48 -30.84
C ASP C 163 24.96 13.23 -31.82
N MET C 183 30.09 3.46 -34.16
CA MET C 183 30.96 4.56 -33.78
C MET C 183 30.24 5.90 -33.90
N MET C 184 29.49 6.26 -32.86
CA MET C 184 28.77 7.52 -32.80
C MET C 184 29.40 8.39 -31.73
N ASN C 185 29.86 9.58 -32.12
CA ASN C 185 30.54 10.49 -31.20
C ASN C 185 29.54 11.52 -30.70
N VAL C 186 29.47 11.68 -29.38
CA VAL C 186 28.53 12.59 -28.74
C VAL C 186 29.30 13.56 -27.85
N VAL C 187 29.04 14.86 -28.03
CA VAL C 187 29.59 15.91 -27.19
C VAL C 187 28.52 16.29 -26.19
N THR C 188 28.72 15.94 -24.92
CA THR C 188 27.68 16.13 -23.91
C THR C 188 28.34 16.29 -22.55
N LYS C 189 27.68 17.04 -21.68
CA LYS C 189 28.09 17.21 -20.29
C LYS C 189 27.72 15.94 -19.53
N LEU C 190 28.69 15.35 -18.84
CA LEU C 190 28.50 14.03 -18.25
C LEU C 190 29.53 13.81 -17.14
N GLN C 191 29.51 12.66 -16.49
CA GLN C 191 30.45 12.36 -15.41
C GLN C 191 31.49 11.35 -15.88
N GLY C 192 32.76 11.71 -15.74
CA GLY C 192 33.84 10.84 -16.18
C GLY C 192 35.12 11.13 -15.44
N ASN C 193 35.94 10.10 -15.30
CA ASN C 193 37.21 10.18 -14.59
C ASN C 193 38.08 9.00 -15.01
N THR C 194 39.17 8.78 -14.30
CA THR C 194 40.07 7.65 -14.53
C THR C 194 40.15 6.82 -13.26
N ILE C 195 40.18 5.49 -13.42
CA ILE C 195 40.20 4.55 -12.31
C ILE C 195 41.49 3.76 -12.37
N THR C 196 42.09 3.51 -11.21
CA THR C 196 43.33 2.75 -11.08
C THR C 196 43.04 1.55 -10.17
N ILE C 197 42.76 0.40 -10.78
CA ILE C 197 42.48 -0.80 -9.99
C ILE C 197 43.76 -1.29 -9.31
N ASP C 198 44.72 -1.74 -10.11
CA ASP C 198 46.05 -2.06 -9.60
C ASP C 198 47.02 -1.97 -10.79
N ASP C 199 47.74 -0.86 -10.89
CA ASP C 199 48.66 -0.60 -12.01
C ASP C 199 47.93 -0.72 -13.34
N GLU C 200 46.67 -0.27 -13.37
CA GLU C 200 45.84 -0.33 -14.56
C GLU C 200 45.12 1.00 -14.72
N GLU C 201 44.76 1.33 -15.96
CA GLU C 201 44.14 2.61 -16.28
C GLU C 201 42.93 2.38 -17.18
N TYR C 202 41.75 2.69 -16.66
CA TYR C 202 40.51 2.73 -17.43
C TYR C 202 39.80 4.05 -17.15
N ASP C 203 39.02 4.51 -18.11
CA ASP C 203 38.22 5.72 -17.95
C ASP C 203 36.75 5.31 -18.01
N MET C 204 36.20 4.95 -16.85
CA MET C 204 34.80 4.55 -16.78
C MET C 204 33.89 5.75 -17.03
N VAL C 205 32.87 5.54 -17.85
CA VAL C 205 31.97 6.60 -18.27
C VAL C 205 30.54 6.17 -17.97
N ARG C 206 29.87 6.91 -17.11
CA ARG C 206 28.48 6.60 -16.77
C ARG C 206 27.54 7.18 -17.82
N LEU C 207 26.54 6.39 -18.21
CA LEU C 207 25.53 6.81 -19.18
C LEU C 207 24.16 6.59 -18.55
N PRO C 208 23.63 7.59 -17.85
CA PRO C 208 22.39 7.38 -17.10
C PRO C 208 21.17 7.29 -18.00
N TYR C 209 20.08 6.79 -17.42
CA TYR C 209 18.80 6.69 -18.08
C TYR C 209 17.89 7.83 -17.63
N LYS C 210 16.66 7.84 -18.13
CA LYS C 210 15.70 8.90 -17.86
C LYS C 210 14.58 8.40 -16.96
N ASP C 211 14.03 9.31 -16.16
CA ASP C 211 12.91 9.09 -15.26
C ASP C 211 13.01 7.75 -14.51
N ALA C 212 14.21 7.40 -14.10
CA ALA C 212 14.44 6.22 -13.27
C ALA C 212 15.77 6.41 -12.55
N ASN C 213 16.25 5.36 -11.91
CA ASN C 213 17.53 5.39 -11.22
C ASN C 213 18.32 4.15 -11.56
N ILE C 214 18.36 3.85 -12.86
CA ILE C 214 19.13 2.76 -13.44
C ILE C 214 19.90 3.32 -14.63
N SER C 215 20.96 2.62 -15.03
CA SER C 215 21.87 3.19 -16.02
C SER C 215 22.61 2.08 -16.76
N MET C 216 23.46 2.51 -17.70
CA MET C 216 24.38 1.63 -18.41
C MET C 216 25.78 2.26 -18.37
N TYR C 217 26.77 1.46 -18.02
CA TYR C 217 28.13 1.94 -17.83
C TYR C 217 29.03 1.49 -18.98
N LEU C 218 30.24 2.07 -19.02
CA LEU C 218 31.22 1.73 -20.05
C LEU C 218 32.61 1.72 -19.43
N ALA C 219 33.52 1.02 -20.11
CA ALA C 219 34.92 0.95 -19.72
C ALA C 219 35.71 0.37 -20.88
N ILE C 220 36.87 0.96 -21.18
CA ILE C 220 37.71 0.55 -22.29
C ILE C 220 39.11 0.26 -21.75
N GLY C 221 39.73 -0.80 -22.26
CA GLY C 221 41.04 -1.18 -21.78
C GLY C 221 41.63 -2.29 -22.61
N ASP C 222 42.71 -2.89 -22.09
CA ASP C 222 43.44 -3.93 -22.80
C ASP C 222 43.36 -5.28 -22.13
N ASN C 223 43.71 -5.38 -20.85
CA ASN C 223 43.71 -6.65 -20.12
C ASN C 223 42.34 -6.78 -19.45
N MET C 224 41.43 -7.50 -20.11
CA MET C 224 40.11 -7.74 -19.55
C MET C 224 40.13 -8.72 -18.39
N THR C 225 41.16 -9.56 -18.29
CA THR C 225 41.24 -10.50 -17.17
C THR C 225 41.38 -9.76 -15.85
N HIS C 226 42.25 -8.74 -15.80
CA HIS C 226 42.42 -7.96 -14.58
C HIS C 226 41.19 -7.13 -14.26
N PHE C 227 40.28 -6.94 -15.23
CA PHE C 227 39.07 -6.16 -15.02
C PHE C 227 37.90 -7.02 -14.56
N THR C 228 37.65 -8.13 -15.25
CA THR C 228 36.49 -8.97 -14.98
C THR C 228 36.69 -9.92 -13.80
N ASP C 229 37.93 -10.09 -13.32
CA ASP C 229 38.16 -10.99 -12.20
C ASP C 229 37.74 -10.40 -10.86
N SER C 230 37.54 -9.09 -10.79
CA SER C 230 37.19 -8.42 -9.54
C SER C 230 35.82 -7.73 -9.61
N ILE C 231 35.03 -7.98 -10.65
CA ILE C 231 33.71 -7.39 -10.73
C ILE C 231 32.87 -7.88 -9.57
N THR C 232 32.32 -6.95 -8.80
CA THR C 232 31.52 -7.27 -7.63
C THR C 232 30.61 -6.08 -7.36
N ALA C 233 29.38 -6.34 -6.93
CA ALA C 233 28.45 -5.26 -6.60
C ALA C 233 29.03 -4.36 -5.53
N ALA C 234 29.84 -4.92 -4.63
CA ALA C 234 30.48 -4.12 -3.58
C ALA C 234 31.45 -3.12 -4.19
N LYS C 235 32.37 -3.60 -5.03
CA LYS C 235 33.37 -2.73 -5.63
C LYS C 235 32.80 -1.83 -6.71
N LEU C 236 31.72 -2.26 -7.37
CA LEU C 236 31.17 -1.48 -8.47
C LEU C 236 30.57 -0.16 -7.99
N ASP C 237 30.09 -0.13 -6.74
CA ASP C 237 29.71 1.14 -6.14
C ASP C 237 30.91 2.06 -6.00
N TYR C 238 32.05 1.51 -5.58
CA TYR C 238 33.26 2.32 -5.42
C TYR C 238 33.75 2.86 -6.75
N TRP C 239 33.31 2.28 -7.87
CA TRP C 239 33.65 2.77 -9.19
C TRP C 239 32.55 3.64 -9.79
N SER C 240 31.33 3.57 -9.27
CA SER C 240 30.22 4.33 -9.79
C SER C 240 30.11 5.72 -9.17
N PHE C 241 31.01 6.08 -8.26
CA PHE C 241 30.98 7.41 -7.65
C PHE C 241 32.23 8.22 -7.90
N GLN C 242 33.38 7.56 -8.13
CA GLN C 242 34.59 8.29 -8.48
C GLN C 242 34.39 9.09 -9.76
N LEU C 243 33.53 8.61 -10.64
CA LEU C 243 33.09 9.39 -11.79
C LEU C 243 32.47 10.70 -11.32
N GLY C 244 32.86 11.80 -11.96
CA GLY C 244 32.42 13.11 -11.55
C GLY C 244 32.15 13.99 -12.75
N ASN C 245 31.25 14.95 -12.57
CA ASN C 245 30.71 15.71 -13.68
C ASN C 245 31.76 16.65 -14.29
N LYS C 246 31.90 16.58 -15.61
CA LYS C 246 32.77 17.44 -16.42
C LYS C 246 32.52 17.10 -17.88
N VAL C 247 32.73 18.10 -18.74
CA VAL C 247 32.42 17.93 -20.17
C VAL C 247 33.28 16.82 -20.75
N TYR C 248 32.63 15.89 -21.45
CA TYR C 248 33.30 14.74 -22.04
C TYR C 248 32.84 14.57 -23.49
N ASN C 249 33.45 13.58 -24.16
CA ASN C 249 33.19 13.32 -25.57
C ASN C 249 33.51 11.84 -25.82
N LEU C 250 32.46 11.02 -25.90
CA LEU C 250 32.61 9.57 -25.99
C LEU C 250 32.06 9.05 -27.30
N LYS C 251 32.49 7.84 -27.66
CA LYS C 251 32.07 7.15 -28.88
C LYS C 251 31.48 5.80 -28.51
N LEU C 252 30.32 5.47 -29.10
CA LEU C 252 29.64 4.22 -28.82
C LEU C 252 28.97 3.69 -30.09
N PRO C 253 29.17 2.43 -30.43
CA PRO C 253 28.55 1.85 -31.63
C PRO C 253 27.22 1.16 -31.34
N LYS C 254 26.58 0.72 -32.40
CA LYS C 254 25.41 -0.16 -32.33
C LYS C 254 25.83 -1.58 -32.68
N PHE C 255 25.36 -2.55 -31.91
CA PHE C 255 25.77 -3.94 -32.10
C PHE C 255 24.71 -4.85 -31.50
N SER C 256 25.04 -6.14 -31.40
CA SER C 256 24.16 -7.13 -30.80
C SER C 256 25.01 -8.30 -30.33
N ILE C 257 24.76 -8.77 -29.11
CA ILE C 257 25.61 -9.78 -28.48
C ILE C 257 24.73 -10.97 -28.13
N GLU C 258 25.37 -12.12 -27.89
CA GLU C 258 24.65 -13.36 -27.63
C GLU C 258 25.51 -14.28 -26.76
N ASN C 259 24.85 -15.12 -25.97
CA ASN C 259 25.57 -16.07 -25.12
C ASN C 259 24.60 -17.13 -24.62
N LYS C 260 25.03 -18.40 -24.69
CA LYS C 260 24.34 -19.52 -24.06
C LYS C 260 25.39 -20.50 -23.57
N ARG C 261 25.21 -21.02 -22.35
CA ARG C 261 26.24 -21.85 -21.75
C ARG C 261 25.60 -22.77 -20.70
N ASP C 262 26.45 -23.39 -19.88
CA ASP C 262 26.06 -24.37 -18.88
C ASP C 262 26.53 -23.93 -17.50
N ILE C 263 25.80 -24.38 -16.47
CA ILE C 263 26.07 -23.98 -15.09
C ILE C 263 26.37 -25.19 -14.21
N LYS C 264 26.29 -26.41 -14.74
CA LYS C 264 26.40 -27.60 -13.90
C LYS C 264 27.74 -27.68 -13.19
N SER C 265 28.84 -27.48 -13.93
CA SER C 265 30.17 -27.70 -13.37
C SER C 265 30.53 -26.69 -12.29
N ILE C 266 29.78 -25.60 -12.15
CA ILE C 266 30.09 -24.57 -11.16
C ILE C 266 29.07 -24.59 -10.01
N ALA C 267 28.31 -25.68 -9.87
CA ALA C 267 27.27 -25.78 -8.87
C ALA C 267 27.51 -26.82 -7.79
N GLU C 268 28.45 -27.74 -7.98
CA GLU C 268 28.64 -28.83 -7.00
C GLU C 268 29.27 -28.33 -5.71
N MET C 269 29.88 -27.16 -5.72
CA MET C 269 30.45 -26.59 -4.50
C MET C 269 29.43 -25.94 -3.59
N MET C 270 28.26 -25.56 -4.12
CA MET C 270 27.28 -24.84 -3.31
C MET C 270 26.23 -25.78 -2.73
N ALA C 271 25.52 -26.52 -3.58
CA ALA C 271 24.45 -27.41 -3.13
C ALA C 271 24.56 -28.73 -3.88
N PRO C 272 25.58 -29.53 -3.55
CA PRO C 272 25.78 -30.78 -4.29
C PRO C 272 24.68 -31.81 -4.09
N SER C 273 24.07 -31.87 -2.92
CA SER C 273 23.16 -32.97 -2.62
C SER C 273 21.84 -32.88 -3.38
N MET C 274 21.49 -31.71 -3.90
CA MET C 274 20.28 -31.60 -4.71
C MET C 274 20.38 -32.45 -5.96
N PHE C 275 21.58 -32.59 -6.52
CA PHE C 275 21.79 -33.47 -7.65
C PHE C 275 21.88 -34.93 -7.24
N ASN C 276 22.36 -35.21 -6.04
CA ASN C 276 22.55 -36.59 -5.60
C ASN C 276 21.21 -37.23 -5.28
N PRO C 277 20.83 -38.32 -5.95
CA PRO C 277 19.58 -39.01 -5.59
C PRO C 277 19.62 -39.61 -4.20
N ASP C 278 20.81 -39.87 -3.65
CA ASP C 278 20.92 -40.44 -2.32
C ASP C 278 20.90 -39.38 -1.22
N ASN C 279 21.44 -38.19 -1.49
CA ASN C 279 21.54 -37.13 -0.50
C ASN C 279 20.47 -36.06 -0.67
N ALA C 280 19.48 -36.30 -1.52
CA ALA C 280 18.41 -35.33 -1.77
C ALA C 280 17.42 -35.39 -0.61
N SER C 281 17.52 -34.45 0.31
CA SER C 281 16.63 -34.37 1.48
C SER C 281 15.54 -33.35 1.18
N PHE C 282 14.57 -33.76 0.36
CA PHE C 282 13.45 -32.91 -0.03
C PHE C 282 12.19 -33.57 0.53
N LYS C 283 11.86 -33.24 1.77
CA LYS C 283 10.82 -33.95 2.52
C LYS C 283 9.63 -33.08 2.89
N HIS C 284 9.52 -31.87 2.34
CA HIS C 284 8.38 -31.01 2.61
C HIS C 284 7.35 -31.04 1.49
N MET C 285 7.78 -30.79 0.24
CA MET C 285 6.88 -30.93 -0.90
C MET C 285 6.41 -32.36 -1.06
N THR C 286 7.33 -33.32 -0.93
CA THR C 286 7.02 -34.71 -1.21
C THR C 286 7.86 -35.60 -0.29
N ARG C 287 7.40 -36.83 -0.11
CA ARG C 287 8.12 -37.79 0.72
C ARG C 287 8.98 -38.73 -0.13
N ASP C 288 8.50 -39.13 -1.31
CA ASP C 288 9.28 -40.02 -2.15
C ASP C 288 10.53 -39.30 -2.68
N PRO C 289 11.62 -40.04 -2.91
CA PRO C 289 12.86 -39.40 -3.34
C PRO C 289 12.73 -38.73 -4.71
N LEU C 290 13.45 -37.63 -4.88
CA LEU C 290 13.49 -36.91 -6.14
C LEU C 290 14.77 -36.08 -6.19
N TYR C 291 15.34 -35.93 -7.38
CA TYR C 291 16.62 -35.27 -7.52
C TYR C 291 16.72 -34.62 -8.90
N ILE C 292 17.70 -33.73 -9.05
CA ILE C 292 17.89 -32.94 -10.25
C ILE C 292 19.20 -33.36 -10.90
N TYR C 293 19.35 -32.99 -12.17
CA TYR C 293 20.51 -33.41 -12.95
C TYR C 293 21.38 -32.25 -13.42
N LYS C 294 20.81 -31.26 -14.10
CA LYS C 294 21.62 -30.21 -14.73
C LYS C 294 20.84 -28.90 -14.71
N MET C 295 21.37 -27.90 -15.42
CA MET C 295 20.70 -26.63 -15.67
C MET C 295 21.39 -25.91 -16.81
N PHE C 296 20.65 -25.00 -17.45
CA PHE C 296 21.14 -24.32 -18.64
C PHE C 296 20.58 -22.91 -18.67
N GLN C 297 21.22 -22.04 -19.47
CA GLN C 297 20.93 -20.61 -19.45
C GLN C 297 21.04 -20.03 -20.85
N ASN C 298 20.16 -19.09 -21.17
CA ASN C 298 20.15 -18.42 -22.47
C ASN C 298 19.98 -16.92 -22.24
N ALA C 299 21.00 -16.14 -22.55
CA ALA C 299 21.01 -14.70 -22.31
C ALA C 299 21.04 -13.93 -23.62
N LYS C 300 20.53 -12.70 -23.59
CA LYS C 300 20.45 -11.86 -24.79
C LYS C 300 20.57 -10.39 -24.39
N ILE C 301 20.94 -9.57 -25.37
CA ILE C 301 20.91 -8.12 -25.20
C ILE C 301 20.92 -7.48 -26.58
N ASP C 302 20.18 -6.38 -26.72
CA ASP C 302 20.12 -5.61 -27.95
C ASP C 302 20.49 -4.16 -27.64
N VAL C 303 21.00 -3.47 -28.67
CA VAL C 303 21.41 -2.07 -28.54
C VAL C 303 20.79 -1.29 -29.69
N ASP C 304 20.26 -0.11 -29.38
CA ASP C 304 19.69 0.80 -30.37
C ASP C 304 20.11 2.21 -30.00
N GLU C 305 19.47 3.19 -30.66
CA GLU C 305 19.83 4.59 -30.48
C GLU C 305 19.04 5.24 -29.35
N GLN C 306 17.73 4.98 -29.28
CA GLN C 306 16.91 5.63 -28.27
C GLN C 306 17.31 5.20 -26.86
N GLY C 307 17.59 3.91 -26.67
CA GLY C 307 17.92 3.39 -25.35
C GLY C 307 18.56 2.02 -25.39
N THR C 308 18.17 1.15 -24.45
CA THR C 308 18.69 -0.21 -24.37
C THR C 308 17.54 -1.18 -24.21
N VAL C 309 17.75 -2.40 -24.72
CA VAL C 309 16.81 -3.51 -24.55
C VAL C 309 17.61 -4.71 -24.08
N ALA C 310 17.06 -5.45 -23.11
CA ALA C 310 17.76 -6.56 -22.49
C ALA C 310 16.77 -7.66 -22.14
N GLU C 311 17.29 -8.88 -22.04
CA GLU C 311 16.43 -10.05 -21.88
C GLU C 311 17.27 -11.23 -21.40
N ALA C 312 16.65 -12.14 -20.65
CA ALA C 312 17.32 -13.34 -20.17
C ALA C 312 16.28 -14.34 -19.67
N SER C 313 16.74 -15.56 -19.44
CA SER C 313 15.92 -16.63 -18.89
C SER C 313 16.86 -17.72 -18.33
N THR C 314 16.27 -18.72 -17.69
CA THR C 314 17.06 -19.74 -17.02
C THR C 314 16.24 -21.03 -16.91
N ILE C 315 16.92 -22.16 -17.07
CA ILE C 315 16.31 -23.49 -16.94
C ILE C 315 17.16 -24.31 -15.97
N MET C 316 16.48 -25.11 -15.13
CA MET C 316 17.15 -26.03 -14.22
C MET C 316 16.41 -27.37 -14.32
N VAL C 317 16.90 -28.25 -15.18
CA VAL C 317 16.16 -29.43 -15.61
C VAL C 317 17.10 -30.62 -15.75
N ALA C 318 16.58 -31.77 -16.16
CA ALA C 318 17.40 -32.97 -16.27
C ALA C 318 18.51 -32.80 -17.32
N THR C 319 18.14 -32.65 -18.58
CA THR C 319 19.12 -32.64 -19.67
C THR C 319 18.77 -31.53 -20.64
N ALA C 320 19.45 -31.51 -21.78
CA ALA C 320 19.16 -30.56 -22.86
C ALA C 320 19.72 -31.07 -24.18
N ASN C 330 42.55 -6.06 -30.51
CA ASN C 330 42.11 -6.12 -29.13
C ASN C 330 41.39 -4.82 -28.74
N THR C 331 41.55 -4.43 -27.48
CA THR C 331 40.95 -3.25 -26.88
C THR C 331 39.44 -3.23 -27.13
N PRO C 332 38.67 -4.13 -26.47
CA PRO C 332 37.22 -4.00 -26.52
C PRO C 332 36.69 -3.26 -25.29
N PHE C 333 35.39 -2.94 -25.28
CA PHE C 333 34.79 -2.25 -24.15
C PHE C 333 33.69 -3.10 -23.53
N VAL C 334 33.54 -2.96 -22.21
CA VAL C 334 32.62 -3.76 -21.42
C VAL C 334 31.40 -2.91 -21.04
N PHE C 335 30.23 -3.54 -21.05
CA PHE C 335 28.99 -2.89 -20.65
C PHE C 335 28.47 -3.51 -19.35
N ILE C 336 28.00 -2.66 -18.45
CA ILE C 336 27.41 -3.10 -17.19
C ILE C 336 26.16 -2.29 -16.92
N ILE C 337 25.07 -2.97 -16.54
CA ILE C 337 23.81 -2.34 -16.19
C ILE C 337 23.58 -2.51 -14.70
N ARG C 338 23.29 -1.42 -14.01
CA ARG C 338 23.17 -1.47 -12.55
C ARG C 338 22.13 -0.47 -12.07
N HIS C 339 21.32 -0.90 -11.10
CA HIS C 339 20.46 0.02 -10.36
C HIS C 339 21.32 0.86 -9.42
N ASP C 340 20.84 2.07 -9.12
CA ASP C 340 21.68 3.03 -8.40
C ASP C 340 21.75 2.72 -6.90
N ILE C 341 20.61 2.46 -6.26
CA ILE C 341 20.54 2.39 -4.81
C ILE C 341 20.28 0.96 -4.33
N THR C 342 19.40 0.22 -5.00
CA THR C 342 19.04 -1.11 -4.51
C THR C 342 20.23 -2.06 -4.53
N GLY C 343 20.94 -2.13 -5.65
CA GLY C 343 22.07 -3.01 -5.79
C GLY C 343 21.82 -4.29 -6.56
N PHE C 344 20.63 -4.46 -7.13
CA PHE C 344 20.33 -5.64 -7.93
C PHE C 344 21.11 -5.57 -9.24
N ILE C 345 22.19 -6.34 -9.33
CA ILE C 345 23.04 -6.32 -10.51
C ILE C 345 22.31 -7.02 -11.65
N LEU C 346 21.90 -6.23 -12.65
CA LEU C 346 21.29 -6.78 -13.85
C LEU C 346 22.37 -7.30 -14.81
N PHE C 347 21.99 -7.55 -16.06
CA PHE C 347 22.86 -8.23 -17.00
C PHE C 347 24.17 -7.49 -17.20
N MET C 348 25.27 -8.25 -17.26
CA MET C 348 26.58 -7.70 -17.54
C MET C 348 27.28 -8.57 -18.57
N GLY C 349 28.20 -7.95 -19.31
CA GLY C 349 28.94 -8.65 -20.32
C GLY C 349 29.88 -7.71 -21.04
N LYS C 350 30.61 -8.25 -22.01
CA LYS C 350 31.56 -7.48 -22.80
C LYS C 350 31.12 -7.47 -24.26
N VAL C 351 31.66 -6.50 -25.00
CA VAL C 351 31.35 -6.34 -26.42
C VAL C 351 32.52 -6.83 -27.26
N PRO D 4 -17.56 -18.53 6.97
CA PRO D 4 -18.86 -18.17 7.55
C PRO D 4 -18.97 -16.67 7.83
N PHE D 5 -17.96 -15.92 7.42
CA PHE D 5 -17.97 -14.48 7.65
C PHE D 5 -19.08 -13.84 6.82
N PRO D 6 -19.89 -12.95 7.41
CA PRO D 6 -20.96 -12.31 6.64
C PRO D 6 -20.40 -11.52 5.46
N GLN D 7 -21.16 -11.52 4.37
CA GLN D 7 -20.72 -10.92 3.11
C GLN D 7 -20.95 -9.41 3.18
N THR D 8 -19.87 -8.67 3.37
CA THR D 8 -19.95 -7.21 3.38
C THR D 8 -20.27 -6.72 1.97
N SER D 9 -21.45 -6.12 1.80
CA SER D 9 -21.91 -5.67 0.51
C SER D 9 -22.00 -4.15 0.47
N LYS D 10 -21.60 -3.58 -0.66
CA LYS D 10 -21.66 -2.14 -0.87
C LYS D 10 -22.45 -1.88 -2.15
N LYS D 11 -22.46 -0.62 -2.60
CA LYS D 11 -23.31 -0.15 -3.67
C LYS D 11 -22.44 0.19 -4.89
N ILE D 12 -23.06 0.79 -5.91
CA ILE D 12 -22.40 1.05 -7.19
C ILE D 12 -21.26 2.03 -6.99
N GLY D 13 -20.05 1.61 -7.36
CA GLY D 13 -18.90 2.50 -7.42
C GLY D 13 -18.56 3.21 -6.12
N ASP D 14 -18.54 2.47 -5.01
CA ASP D 14 -18.18 3.06 -3.73
C ASP D 14 -17.02 2.32 -3.10
N ASP D 15 -16.70 2.62 -1.85
CA ASP D 15 -15.60 1.98 -1.14
C ASP D 15 -16.00 0.56 -0.79
N ALA D 16 -15.52 -0.40 -1.59
CA ALA D 16 -15.74 -1.82 -1.29
C ALA D 16 -14.73 -2.29 -0.24
N THR D 17 -14.85 -1.71 0.94
CA THR D 17 -13.87 -1.91 2.01
C THR D 17 -14.05 -3.30 2.62
N LEU D 18 -13.26 -4.26 2.14
CA LEU D 18 -13.20 -5.57 2.74
C LEU D 18 -12.28 -5.56 3.95
N SER D 19 -12.32 -6.63 4.73
CA SER D 19 -11.53 -6.70 5.95
C SER D 19 -11.32 -8.16 6.32
N CYS D 20 -10.34 -8.39 7.20
CA CYS D 20 -10.01 -9.72 7.67
C CYS D 20 -9.71 -9.66 9.17
N ASN D 21 -9.18 -10.74 9.73
CA ASN D 21 -8.74 -10.76 11.12
C ASN D 21 -7.99 -12.05 11.40
N ARG D 22 -6.90 -11.93 12.15
CA ARG D 22 -6.12 -13.07 12.58
C ARG D 22 -6.62 -13.53 13.95
N ASN D 23 -6.03 -14.61 14.45
CA ASN D 23 -6.37 -15.08 15.78
C ASN D 23 -5.29 -14.76 16.80
N ASN D 24 -4.04 -15.15 16.54
CA ASN D 24 -2.98 -15.07 17.53
C ASN D 24 -2.15 -13.82 17.29
N THR D 25 -2.00 -13.00 18.33
CA THR D 25 -1.28 -11.74 18.20
C THR D 25 0.24 -11.94 18.22
N ASN D 26 0.74 -12.86 19.02
CA ASN D 26 2.19 -12.96 19.19
C ASN D 26 2.91 -13.54 17.99
N ASP D 27 2.16 -14.12 17.04
CA ASP D 27 2.77 -14.63 15.82
C ASP D 27 2.99 -13.49 14.83
N TYR D 28 4.17 -13.46 14.23
CA TYR D 28 4.60 -12.35 13.39
C TYR D 28 4.25 -12.63 11.93
N VAL D 29 3.62 -11.64 11.29
CA VAL D 29 3.26 -11.75 9.88
C VAL D 29 4.48 -11.50 9.02
N VAL D 30 4.72 -12.40 8.08
CA VAL D 30 5.81 -12.26 7.11
C VAL D 30 5.32 -11.62 5.82
N MET D 31 4.04 -11.81 5.49
CA MET D 31 3.52 -11.36 4.20
C MET D 31 2.00 -11.40 4.25
N SER D 32 1.38 -10.48 3.52
CA SER D 32 -0.07 -10.46 3.36
C SER D 32 -0.38 -10.25 1.89
N ALA D 33 -1.25 -11.08 1.33
CA ALA D 33 -1.57 -11.03 -0.08
C ALA D 33 -3.07 -11.03 -0.27
N TRP D 34 -3.52 -10.48 -1.40
CA TRP D 34 -4.93 -10.45 -1.74
C TRP D 34 -5.12 -11.13 -3.09
N TYR D 35 -5.87 -12.23 -3.08
CA TYR D 35 -6.10 -13.04 -4.27
C TYR D 35 -7.55 -12.90 -4.71
N LYS D 36 -7.86 -13.56 -5.83
CA LYS D 36 -9.23 -13.83 -6.24
C LYS D 36 -9.32 -15.29 -6.63
N GLU D 37 -10.37 -15.96 -6.16
CA GLU D 37 -10.50 -17.40 -6.38
C GLU D 37 -10.61 -17.70 -7.87
N PRO D 38 -9.93 -18.74 -8.36
CA PRO D 38 -9.00 -19.63 -7.66
C PRO D 38 -7.54 -19.17 -7.69
N ASN D 39 -7.07 -18.57 -8.78
CA ASN D 39 -5.66 -18.16 -8.88
C ASN D 39 -5.61 -16.92 -9.77
N SER D 40 -5.60 -15.76 -9.15
CA SER D 40 -5.41 -14.52 -9.89
C SER D 40 -4.33 -13.63 -9.28
N ILE D 41 -4.24 -13.56 -7.95
CA ILE D 41 -3.35 -12.64 -7.25
C ILE D 41 -3.61 -11.23 -7.76
N ILE D 42 -4.71 -10.62 -7.32
CA ILE D 42 -5.09 -9.27 -7.73
C ILE D 42 -3.95 -8.32 -7.42
N LEU D 43 -3.41 -8.40 -6.20
CA LEU D 43 -2.23 -7.64 -5.85
C LEU D 43 -1.61 -8.25 -4.60
N LEU D 44 -0.30 -8.14 -4.49
CA LEU D 44 0.44 -8.56 -3.32
C LEU D 44 1.07 -7.34 -2.67
N ALA D 45 1.28 -7.41 -1.36
CA ALA D 45 1.78 -6.27 -0.62
C ALA D 45 2.57 -6.73 0.59
N ALA D 46 3.38 -5.80 1.12
CA ALA D 46 4.17 -6.04 2.32
C ALA D 46 4.57 -4.70 2.90
N LYS D 47 4.35 -4.52 4.20
CA LYS D 47 4.60 -3.26 4.87
C LYS D 47 3.86 -2.12 4.17
N SER D 48 4.59 -1.12 3.69
CA SER D 48 4.01 0.00 2.97
C SER D 48 4.24 -0.06 1.47
N ASP D 49 4.90 -1.11 0.98
CA ASP D 49 5.20 -1.25 -0.44
C ASP D 49 4.29 -2.32 -1.05
N VAL D 50 3.65 -1.97 -2.15
CA VAL D 50 2.70 -2.86 -2.83
C VAL D 50 3.31 -3.30 -4.16
N LEU D 51 3.33 -4.61 -4.39
CA LEU D 51 3.82 -5.19 -5.64
C LEU D 51 2.63 -5.58 -6.49
N TYR D 52 2.41 -4.86 -7.58
CA TYR D 52 1.25 -5.11 -8.43
C TYR D 52 1.53 -6.24 -9.41
N PHE D 53 0.45 -6.96 -9.75
CA PHE D 53 0.54 -8.13 -10.62
C PHE D 53 -0.28 -7.91 -11.88
N ASP D 54 0.28 -8.37 -13.00
CA ASP D 54 -0.37 -8.30 -14.31
C ASP D 54 -0.84 -6.88 -14.63
N ASN D 55 -2.15 -6.67 -14.64
CA ASN D 55 -2.74 -5.38 -15.00
C ASN D 55 -3.47 -4.82 -13.78
N TYR D 56 -2.72 -4.13 -12.93
CA TYR D 56 -3.28 -3.49 -11.74
C TYR D 56 -2.32 -2.39 -11.29
N THR D 57 -2.87 -1.23 -10.95
CA THR D 57 -2.09 -0.09 -10.46
C THR D 57 -2.87 0.57 -9.33
N LYS D 58 -2.44 1.76 -8.95
CA LYS D 58 -3.05 2.48 -7.84
C LYS D 58 -4.42 3.06 -8.18
N ASP D 59 -4.82 3.07 -9.45
CA ASP D 59 -6.10 3.67 -9.82
C ASP D 59 -7.28 2.80 -9.45
N LYS D 60 -7.10 1.48 -9.37
CA LYS D 60 -8.20 0.55 -9.14
C LYS D 60 -8.18 -0.05 -7.74
N ILE D 61 -7.00 -0.33 -7.18
CA ILE D 61 -6.86 -0.80 -5.81
C ILE D 61 -5.76 0.01 -5.14
N SER D 62 -5.98 0.40 -3.88
CA SER D 62 -4.93 0.95 -3.06
C SER D 62 -4.76 0.09 -1.81
N TYR D 63 -3.90 0.53 -0.88
CA TYR D 63 -3.65 -0.19 0.36
C TYR D 63 -3.85 0.82 1.49
N ASP D 64 -5.09 0.94 1.95
CA ASP D 64 -5.46 1.95 2.94
C ASP D 64 -5.38 1.42 4.37
N SER D 65 -4.53 0.44 4.62
CA SER D 65 -4.17 0.08 5.98
C SER D 65 -2.66 -0.14 6.08
N PRO D 66 -1.84 0.82 5.62
CA PRO D 66 -0.39 0.57 5.59
C PRO D 66 0.29 0.79 6.93
N TYR D 67 -0.39 1.42 7.90
CA TYR D 67 0.16 1.66 9.22
C TYR D 67 -0.63 0.94 10.31
N ASP D 68 -1.35 -0.12 9.94
CA ASP D 68 -1.97 -1.02 10.90
C ASP D 68 -1.60 -2.45 10.53
N ASP D 69 -1.09 -3.21 11.50
CA ASP D 69 -0.67 -4.57 11.27
C ASP D 69 -1.67 -5.61 11.76
N LEU D 70 -2.72 -5.20 12.46
CA LEU D 70 -3.70 -6.17 12.97
C LEU D 70 -4.55 -6.74 11.83
N VAL D 71 -5.01 -5.89 10.92
CA VAL D 71 -5.93 -6.29 9.87
C VAL D 71 -5.51 -5.62 8.57
N THR D 72 -5.53 -6.38 7.48
CA THR D 72 -5.36 -5.81 6.15
C THR D 72 -6.73 -5.49 5.56
N THR D 73 -6.80 -4.37 4.85
CA THR D 73 -8.05 -3.94 4.22
C THR D 73 -7.73 -3.35 2.86
N ILE D 74 -8.74 -3.37 1.98
CA ILE D 74 -8.61 -2.81 0.64
C ILE D 74 -9.78 -1.87 0.41
N THR D 75 -9.59 -0.92 -0.50
CA THR D 75 -10.53 0.17 -0.75
C THR D 75 -10.75 0.35 -2.24
N ILE D 76 -11.09 -0.74 -2.92
CA ILE D 76 -11.28 -0.71 -4.37
C ILE D 76 -12.30 0.36 -4.74
N LYS D 77 -11.90 1.25 -5.65
CA LYS D 77 -12.74 2.33 -6.14
C LYS D 77 -13.34 1.93 -7.48
N SER D 78 -14.43 2.61 -7.85
CA SER D 78 -15.11 2.44 -9.14
C SER D 78 -15.42 0.97 -9.40
N LEU D 79 -16.31 0.44 -8.56
CA LEU D 79 -16.62 -0.99 -8.57
C LEU D 79 -17.14 -1.44 -9.93
N THR D 80 -16.67 -2.60 -10.37
CA THR D 80 -17.02 -3.16 -11.67
C THR D 80 -17.55 -4.58 -11.51
N ALA D 81 -18.31 -5.02 -12.50
CA ALA D 81 -18.78 -6.41 -12.51
C ALA D 81 -17.62 -7.39 -12.55
N ARG D 82 -16.52 -7.01 -13.21
CA ARG D 82 -15.33 -7.85 -13.20
C ARG D 82 -14.77 -7.97 -11.78
N ASP D 83 -14.82 -6.87 -11.02
CA ASP D 83 -14.39 -6.87 -9.63
C ASP D 83 -15.35 -7.62 -8.71
N ALA D 84 -16.54 -7.97 -9.19
CA ALA D 84 -17.54 -8.66 -8.39
C ALA D 84 -17.26 -10.15 -8.43
N GLY D 85 -16.63 -10.66 -7.38
CA GLY D 85 -16.32 -12.07 -7.30
C GLY D 85 -15.86 -12.44 -5.90
N THR D 86 -15.51 -13.71 -5.74
CA THR D 86 -14.99 -14.20 -4.47
C THR D 86 -13.60 -13.62 -4.22
N TYR D 87 -13.35 -13.23 -2.97
CA TYR D 87 -12.07 -12.67 -2.57
C TYR D 87 -11.36 -13.62 -1.62
N VAL D 88 -10.05 -13.71 -1.77
CA VAL D 88 -9.23 -14.65 -1.03
C VAL D 88 -8.24 -13.86 -0.19
N CYS D 89 -8.55 -13.68 1.08
CA CYS D 89 -7.62 -13.05 2.02
C CYS D 89 -6.45 -14.00 2.27
N ALA D 90 -5.36 -13.46 2.84
CA ALA D 90 -4.18 -14.27 3.06
C ALA D 90 -3.35 -13.68 4.19
N PHE D 91 -2.99 -14.53 5.15
CA PHE D 91 -2.04 -14.17 6.21
C PHE D 91 -1.02 -15.30 6.32
N PHE D 92 0.04 -15.22 5.51
CA PHE D 92 1.12 -16.19 5.59
C PHE D 92 1.87 -15.95 6.89
N MET D 93 1.84 -16.93 7.79
CA MET D 93 2.18 -16.70 9.19
C MET D 93 3.46 -17.44 9.54
N THR D 94 4.17 -16.92 10.54
CA THR D 94 5.34 -17.60 11.10
C THR D 94 5.51 -17.16 12.55
N SER D 95 6.20 -17.99 13.33
CA SER D 95 6.46 -17.75 14.74
C SER D 95 7.93 -17.40 14.94
N THR D 96 8.18 -16.40 15.80
CA THR D 96 9.52 -15.87 16.01
C THR D 96 9.93 -15.93 17.49
N THR D 97 9.26 -16.76 18.29
CA THR D 97 9.66 -16.89 19.69
C THR D 97 11.08 -17.44 19.80
N ASN D 98 11.36 -18.54 19.12
CA ASN D 98 12.71 -19.07 18.95
C ASN D 98 12.81 -19.70 17.56
N ASP D 99 13.85 -20.50 17.36
CA ASP D 99 14.11 -21.13 16.07
C ASP D 99 13.19 -22.32 15.87
N THR D 100 12.42 -22.29 14.79
CA THR D 100 11.46 -23.37 14.52
C THR D 100 11.07 -23.36 13.06
N ASP D 101 10.63 -24.53 12.59
CA ASP D 101 10.12 -24.74 11.24
C ASP D 101 8.60 -24.90 11.30
N LYS D 102 7.88 -23.95 10.70
CA LYS D 102 6.42 -23.99 10.72
C LYS D 102 5.89 -22.93 9.76
N VAL D 103 4.80 -23.26 9.08
CA VAL D 103 4.06 -22.30 8.27
C VAL D 103 2.60 -22.37 8.70
N ASP D 104 1.89 -21.27 8.48
CA ASP D 104 0.49 -21.19 8.89
C ASP D 104 -0.26 -20.33 7.88
N TYR D 105 -1.02 -20.97 7.00
CA TYR D 105 -1.82 -20.30 5.99
C TYR D 105 -3.23 -20.16 6.52
N GLU D 106 -3.59 -18.96 6.97
CA GLU D 106 -4.94 -18.65 7.44
C GLU D 106 -5.67 -17.86 6.36
N GLU D 107 -6.85 -18.35 5.98
CA GLU D 107 -7.66 -17.76 4.93
C GLU D 107 -9.06 -17.50 5.43
N TYR D 108 -9.61 -16.33 5.11
CA TYR D 108 -10.99 -15.99 5.44
C TYR D 108 -11.61 -15.38 4.19
N SER D 109 -12.19 -16.23 3.35
CA SER D 109 -12.72 -15.81 2.06
C SER D 109 -14.03 -15.06 2.26
N THR D 110 -14.13 -13.89 1.63
CA THR D 110 -15.32 -13.06 1.72
C THR D 110 -15.81 -12.71 0.33
N GLU D 111 -17.13 -12.58 0.19
CA GLU D 111 -17.77 -12.27 -1.07
C GLU D 111 -18.41 -10.90 -1.01
N LEU D 112 -18.32 -10.15 -2.11
CA LEU D 112 -19.00 -8.88 -2.26
C LEU D 112 -19.83 -8.92 -3.54
N ILE D 113 -21.05 -8.40 -3.45
CA ILE D 113 -22.01 -8.45 -4.55
C ILE D 113 -22.42 -7.02 -4.89
N VAL D 114 -22.41 -6.70 -6.18
CA VAL D 114 -22.81 -5.38 -6.67
C VAL D 114 -24.02 -5.55 -7.59
N ASN D 115 -24.97 -4.64 -7.47
CA ASN D 115 -26.16 -4.65 -8.31
C ASN D 115 -26.74 -3.24 -8.36
N THR D 116 -27.58 -3.01 -9.36
CA THR D 116 -28.19 -1.71 -9.55
C THR D 116 -29.29 -1.45 -8.51
#